data_4YQZ
#
_entry.id   4YQZ
#
_cell.length_a   76.436
_cell.length_b   65.752
_cell.length_c   85.759
_cell.angle_alpha   90.000
_cell.angle_beta   95.430
_cell.angle_gamma   90.000
#
_symmetry.space_group_name_H-M   'P 1 21 1'
#
loop_
_entity.id
_entity.type
_entity.pdbx_description
1 polymer 'Putative oxidoreductase'
2 non-polymer 'CHLORIDE ION'
3 water water
#
_entity_poly.entity_id   1
_entity_poly.type   'polypeptide(L)'
_entity_poly.pdbx_seq_one_letter_code
;(MSE)HHHHHHSSGVDLGTENLYFQS(MSE)(MSE)KLKGKKALVIAAGQGIGRAIAEAFQREGAEVLGATLHPEKLQGV
VPAVRLDARDKEAVFRLIQGLDRLDVLVNAQGVVPVGGLLEATDQDWEEAFLLNAKSVFWA(MSE)QAALPK(MSE)AAQ
GGGSVINIASVAAFKTVPGRFIYSATKAALVA(MSE)TKAAALEFAPKGVRVNAICPGTVDTPSLRERAGGEEGLRAFAE
RQLLKRLGRPEEIAALAVYLASDEGAFATGSAFVVDGG(MSE)SL
;
_entity_poly.pdbx_strand_id   A,B,C,D
#
loop_
_chem_comp.id
_chem_comp.type
_chem_comp.name
_chem_comp.formula
CL non-polymer 'CHLORIDE ION' 'Cl -1'
#
# COMPACT_ATOMS: atom_id res chain seq x y z
N MSE A 24 24.36 -19.09 17.22
CA MSE A 24 24.91 -18.76 15.92
C MSE A 24 24.60 -17.32 15.50
O MSE A 24 25.48 -16.47 15.47
CB MSE A 24 24.39 -19.74 14.85
CG MSE A 24 24.86 -19.43 13.44
SE MSE A 24 26.71 -19.92 13.08
CE MSE A 24 26.65 -21.83 13.50
N LYS A 25 23.33 -17.04 15.20
CA LYS A 25 23.02 -15.75 14.59
C LYS A 25 22.84 -14.59 15.58
N LEU A 26 22.62 -14.87 16.86
CA LEU A 26 22.39 -13.80 17.84
C LEU A 26 23.37 -13.80 19.02
N LYS A 27 24.50 -14.48 18.89
CA LYS A 27 25.45 -14.57 20.00
C LYS A 27 25.91 -13.17 20.42
N GLY A 28 25.87 -12.92 21.72
CA GLY A 28 26.30 -11.64 22.25
C GLY A 28 25.21 -10.59 22.27
N LYS A 29 24.00 -10.96 21.83
CA LYS A 29 22.87 -10.03 21.87
C LYS A 29 22.05 -10.18 23.15
N LYS A 30 21.66 -9.06 23.74
CA LYS A 30 20.76 -9.06 24.89
C LYS A 30 19.37 -8.68 24.40
N ALA A 31 18.41 -9.57 24.63
CA ALA A 31 17.06 -9.37 24.11
C ALA A 31 16.04 -9.37 25.22
N LEU A 32 15.04 -8.51 25.08
CA LEU A 32 13.88 -8.56 25.97
C LEU A 32 12.65 -8.84 25.12
N VAL A 33 11.86 -9.84 25.51
CA VAL A 33 10.64 -10.14 24.77
C VAL A 33 9.44 -9.89 25.68
N ILE A 34 8.60 -8.93 25.31
CA ILE A 34 7.42 -8.62 26.08
C ILE A 34 6.24 -9.48 25.60
N ALA A 35 5.55 -10.09 26.57
CA ALA A 35 4.54 -11.14 26.37
C ALA A 35 5.19 -12.41 25.82
N ALA A 36 6.21 -12.86 26.52
CA ALA A 36 6.98 -14.03 26.09
C ALA A 36 6.40 -15.33 26.61
N GLY A 37 5.30 -15.26 27.36
CA GLY A 37 4.77 -16.42 28.05
C GLY A 37 4.16 -17.52 27.18
N GLN A 38 3.63 -17.15 26.02
CA GLN A 38 2.97 -18.12 25.15
C GLN A 38 2.94 -17.67 23.69
N GLY A 39 2.53 -18.58 22.80
CA GLY A 39 2.34 -18.26 21.40
C GLY A 39 3.56 -17.68 20.70
N ILE A 40 3.33 -16.63 19.92
CA ILE A 40 4.41 -16.01 19.15
C ILE A 40 5.52 -15.46 20.06
N GLY A 41 5.12 -14.80 21.15
CA GLY A 41 6.09 -14.24 22.08
C GLY A 41 7.03 -15.31 22.56
N ARG A 42 6.48 -16.45 22.98
CA ARG A 42 7.29 -17.52 23.53
C ARG A 42 8.21 -18.13 22.46
N ALA A 43 7.66 -18.32 21.26
CA ALA A 43 8.41 -18.91 20.17
C ALA A 43 9.61 -18.05 19.82
N ILE A 44 9.43 -16.74 19.86
CA ILE A 44 10.51 -15.81 19.57
C ILE A 44 11.57 -15.84 20.67
N ALA A 45 11.14 -15.91 21.93
CA ALA A 45 12.12 -15.99 23.01
C ALA A 45 12.95 -17.27 22.90
N GLU A 46 12.30 -18.39 22.64
CA GLU A 46 12.99 -19.65 22.49
C GLU A 46 13.91 -19.67 21.28
N ALA A 47 13.48 -19.08 20.17
CA ALA A 47 14.30 -19.03 18.96
C ALA A 47 15.53 -18.15 19.20
N PHE A 48 15.32 -16.99 19.82
CA PHE A 48 16.44 -16.10 20.18
C PHE A 48 17.51 -16.79 21.03
N GLN A 49 17.07 -17.51 22.04
CA GLN A 49 17.97 -18.20 22.94
C GLN A 49 18.72 -19.31 22.21
N ARG A 50 18.03 -20.00 21.31
CA ARG A 50 18.63 -21.03 20.49
C ARG A 50 19.74 -20.47 19.61
N GLU A 51 19.54 -19.24 19.13
CA GLU A 51 20.53 -18.56 18.30
C GLU A 51 21.56 -17.82 19.12
N GLY A 52 21.57 -18.06 20.43
CA GLY A 52 22.67 -17.59 21.25
C GLY A 52 22.43 -16.31 22.02
N ALA A 53 21.25 -15.72 21.88
CA ALA A 53 20.95 -14.49 22.61
C ALA A 53 20.79 -14.74 24.10
N GLU A 54 21.18 -13.74 24.90
CA GLU A 54 20.78 -13.68 26.31
C GLU A 54 19.37 -13.11 26.34
N VAL A 55 18.41 -13.93 26.68
CA VAL A 55 17.02 -13.54 26.55
C VAL A 55 16.34 -13.39 27.91
N LEU A 56 15.53 -12.35 28.03
CA LEU A 56 14.63 -12.24 29.17
C LEU A 56 13.20 -12.18 28.66
N GLY A 57 12.37 -13.12 29.13
CA GLY A 57 10.98 -13.11 28.74
C GLY A 57 10.11 -12.45 29.78
N ALA A 58 9.49 -11.35 29.41
CA ALA A 58 8.57 -10.66 30.30
C ALA A 58 7.16 -11.14 30.00
N THR A 59 6.40 -11.43 31.04
CA THR A 59 5.05 -11.96 30.84
C THR A 59 4.25 -11.85 32.13
N LEU A 60 2.92 -11.89 32.00
CA LEU A 60 2.04 -11.99 33.15
C LEU A 60 2.21 -13.32 33.88
N HIS A 61 2.61 -14.35 33.15
CA HIS A 61 2.73 -15.68 33.75
C HIS A 61 4.11 -16.31 33.56
N PRO A 62 5.11 -15.79 34.27
CA PRO A 62 6.49 -16.27 34.15
C PRO A 62 6.63 -17.77 34.45
N GLU A 63 5.74 -18.33 35.27
CA GLU A 63 5.81 -19.76 35.56
C GLU A 63 5.64 -20.59 34.30
N LYS A 64 4.96 -20.04 33.29
CA LYS A 64 4.81 -20.72 32.00
C LYS A 64 6.17 -20.98 31.39
N LEU A 65 7.17 -20.18 31.77
CA LEU A 65 8.50 -20.27 31.19
C LEU A 65 9.52 -20.97 32.10
N GLN A 66 9.03 -21.59 33.17
CA GLN A 66 9.87 -22.34 34.08
C GLN A 66 10.73 -23.35 33.31
N GLY A 67 12.05 -23.14 33.34
CA GLY A 67 12.98 -24.05 32.68
C GLY A 67 13.08 -23.94 31.16
N VAL A 68 12.56 -22.88 30.57
CA VAL A 68 12.75 -22.72 29.13
C VAL A 68 13.57 -21.45 28.81
N VAL A 69 13.17 -20.31 29.36
CA VAL A 69 13.86 -19.04 29.14
C VAL A 69 13.81 -18.26 30.46
N PRO A 70 14.85 -17.47 30.76
CA PRO A 70 14.76 -16.58 31.93
C PRO A 70 13.55 -15.65 31.82
N ALA A 71 12.83 -15.47 32.91
CA ALA A 71 11.57 -14.75 32.83
C ALA A 71 11.36 -13.80 34.00
N VAL A 72 10.57 -12.76 33.76
CA VAL A 72 10.23 -11.81 34.80
C VAL A 72 8.75 -11.49 34.68
N ARG A 73 8.10 -11.19 35.79
CA ARG A 73 6.69 -10.82 35.74
C ARG A 73 6.58 -9.39 35.23
N LEU A 74 5.77 -9.20 34.21
CA LEU A 74 5.47 -7.86 33.71
C LEU A 74 4.05 -7.81 33.16
N ASP A 75 3.29 -6.82 33.62
CA ASP A 75 1.98 -6.52 33.05
C ASP A 75 2.22 -5.34 32.09
N ALA A 76 2.09 -5.60 30.79
CA ALA A 76 2.43 -4.59 29.80
C ALA A 76 1.47 -3.39 29.83
N ARG A 77 0.34 -3.55 30.52
CA ARG A 77 -0.60 -2.44 30.72
C ARG A 77 -0.09 -1.43 31.76
N ASP A 78 0.96 -1.81 32.49
CA ASP A 78 1.49 -1.01 33.60
C ASP A 78 2.68 -0.16 33.12
N LYS A 79 2.41 1.08 32.77
CA LYS A 79 3.46 1.95 32.25
C LYS A 79 4.68 2.00 33.16
N GLU A 80 4.45 2.20 34.46
CA GLU A 80 5.56 2.32 35.38
C GLU A 80 6.44 1.07 35.33
N ALA A 81 5.81 -0.10 35.26
CA ALA A 81 6.55 -1.36 35.28
C ALA A 81 7.33 -1.55 33.98
N VAL A 82 6.75 -1.13 32.85
CA VAL A 82 7.43 -1.19 31.56
C VAL A 82 8.67 -0.31 31.54
N PHE A 83 8.54 0.93 31.99
CA PHE A 83 9.69 1.83 32.06
C PHE A 83 10.73 1.31 33.07
N ARG A 84 10.27 0.84 34.21
CA ARG A 84 11.18 0.33 35.24
C ARG A 84 12.02 -0.84 34.73
N LEU A 85 11.35 -1.83 34.14
CA LEU A 85 12.06 -3.00 33.61
C LEU A 85 13.12 -2.64 32.58
N ILE A 86 12.73 -1.90 31.54
CA ILE A 86 13.64 -1.56 30.43
C ILE A 86 14.80 -0.66 30.88
N GLN A 87 14.50 0.32 31.71
CA GLN A 87 15.53 1.25 32.18
C GLN A 87 16.46 0.57 33.19
N GLY A 88 16.01 -0.55 33.76
CA GLY A 88 16.81 -1.26 34.75
C GLY A 88 17.82 -2.23 34.16
N LEU A 89 17.64 -2.59 32.89
CA LEU A 89 18.57 -3.47 32.18
C LEU A 89 19.90 -2.77 31.91
N ASP A 90 20.99 -3.54 31.87
CA ASP A 90 22.31 -2.94 31.70
C ASP A 90 22.56 -2.59 30.24
N ARG A 91 22.21 -3.51 29.35
CA ARG A 91 22.27 -3.24 27.93
C ARG A 91 21.13 -3.98 27.26
N LEU A 92 20.52 -3.33 26.26
CA LEU A 92 19.43 -3.95 25.52
C LEU A 92 19.71 -3.81 24.02
N ASP A 93 19.92 -4.94 23.35
CA ASP A 93 20.20 -4.94 21.91
C ASP A 93 18.96 -5.16 21.04
N VAL A 94 18.03 -5.97 21.54
CA VAL A 94 16.82 -6.28 20.78
C VAL A 94 15.62 -6.19 21.71
N LEU A 95 14.60 -5.46 21.28
CA LEU A 95 13.34 -5.43 22.00
C LEU A 95 12.24 -6.00 21.11
N VAL A 96 11.49 -6.98 21.62
CA VAL A 96 10.34 -7.51 20.90
C VAL A 96 9.03 -7.22 21.63
N ASN A 97 8.11 -6.53 20.96
CA ASN A 97 6.79 -6.30 21.50
C ASN A 97 5.78 -7.30 20.95
N ALA A 98 5.48 -8.34 21.73
CA ALA A 98 4.56 -9.38 21.29
C ALA A 98 3.23 -9.32 22.05
N GLN A 99 3.04 -8.28 22.86
CA GLN A 99 1.83 -8.16 23.65
C GLN A 99 0.66 -7.76 22.77
N GLY A 100 -0.54 -8.15 23.17
CA GLY A 100 -1.71 -7.84 22.35
C GLY A 100 -2.96 -8.56 22.81
N VAL A 101 -4.10 -8.05 22.36
CA VAL A 101 -5.37 -8.68 22.68
C VAL A 101 -6.25 -8.52 21.44
N VAL A 102 -7.14 -9.48 21.19
CA VAL A 102 -7.98 -9.44 20.00
C VAL A 102 -9.45 -9.27 20.40
N PRO A 103 -9.93 -8.02 20.50
CA PRO A 103 -11.37 -7.85 20.67
C PRO A 103 -12.10 -8.33 19.42
N VAL A 104 -13.33 -8.77 19.57
CA VAL A 104 -14.10 -9.22 18.42
C VAL A 104 -15.39 -8.42 18.30
N GLY A 105 -15.84 -8.25 17.06
CA GLY A 105 -17.10 -7.58 16.83
C GLY A 105 -16.98 -6.58 15.70
N GLY A 106 -18.10 -6.32 15.03
CA GLY A 106 -18.20 -5.29 14.01
C GLY A 106 -18.40 -3.93 14.68
N LEU A 107 -18.75 -2.93 13.88
CA LEU A 107 -18.83 -1.55 14.35
C LEU A 107 -19.79 -1.37 15.52
N LEU A 108 -20.96 -1.99 15.42
CA LEU A 108 -22.00 -1.79 16.43
C LEU A 108 -21.80 -2.71 17.63
N GLU A 109 -21.12 -3.83 17.44
CA GLU A 109 -20.81 -4.72 18.56
C GLU A 109 -19.71 -4.14 19.45
N ALA A 110 -18.80 -3.40 18.82
CA ALA A 110 -17.65 -2.85 19.54
C ALA A 110 -18.09 -1.89 20.62
N THR A 111 -17.43 -1.92 21.77
CA THR A 111 -17.73 -0.96 22.85
C THR A 111 -16.58 -0.01 23.16
N ASP A 112 -16.87 1.05 23.92
CA ASP A 112 -15.82 1.93 24.43
C ASP A 112 -14.81 1.16 25.29
N GLN A 113 -15.27 0.20 26.07
CA GLN A 113 -14.34 -0.62 26.88
C GLN A 113 -13.40 -1.46 26.00
N ASP A 114 -13.94 -2.07 24.93
CA ASP A 114 -13.11 -2.74 23.92
C ASP A 114 -12.04 -1.80 23.36
N TRP A 115 -12.49 -0.62 22.96
CA TRP A 115 -11.63 0.38 22.37
C TRP A 115 -10.47 0.68 23.31
N GLU A 116 -10.78 1.02 24.54
CA GLU A 116 -9.76 1.47 25.46
C GLU A 116 -8.80 0.35 25.84
N GLU A 117 -9.32 -0.86 26.06
CA GLU A 117 -8.49 -1.99 26.44
C GLU A 117 -7.52 -2.35 25.33
N ALA A 118 -8.05 -2.41 24.12
CA ALA A 118 -7.25 -2.81 22.97
C ALA A 118 -6.21 -1.75 22.57
N PHE A 119 -6.59 -0.49 22.56
CA PHE A 119 -5.61 0.54 22.20
C PHE A 119 -4.52 0.62 23.28
N LEU A 120 -4.89 0.36 24.52
CA LEU A 120 -3.90 0.35 25.60
C LEU A 120 -2.83 -0.71 25.39
N LEU A 121 -3.25 -1.96 25.23
CA LEU A 121 -2.29 -3.06 25.16
C LEU A 121 -1.63 -3.19 23.77
N ASN A 122 -2.42 -3.04 22.70
CA ASN A 122 -1.91 -3.26 21.35
C ASN A 122 -1.01 -2.12 20.84
N ALA A 123 -1.22 -0.91 21.35
CA ALA A 123 -0.55 0.27 20.79
C ALA A 123 0.13 1.12 21.85
N LYS A 124 -0.62 1.58 22.86
CA LYS A 124 -0.03 2.46 23.87
C LYS A 124 1.10 1.77 24.64
N SER A 125 0.92 0.49 24.98
CA SER A 125 1.98 -0.30 25.62
C SER A 125 3.29 -0.26 24.83
N VAL A 126 3.18 -0.40 23.52
CA VAL A 126 4.34 -0.35 22.63
C VAL A 126 4.96 1.05 22.58
N PHE A 127 4.11 2.07 22.56
CA PHE A 127 4.53 3.47 22.69
C PHE A 127 5.47 3.63 23.89
N TRP A 128 5.02 3.15 25.05
CA TRP A 128 5.84 3.24 26.27
C TRP A 128 7.14 2.46 26.15
N ALA A 129 7.05 1.24 25.64
CA ALA A 129 8.23 0.38 25.55
C ALA A 129 9.30 1.02 24.66
N MSE A 130 8.86 1.60 23.55
CA MSE A 130 9.77 2.28 22.65
C MSE A 130 10.32 3.57 23.26
O MSE A 130 11.51 3.86 23.13
CB MSE A 130 9.09 2.58 21.32
CG MSE A 130 8.76 1.29 20.57
SE MSE A 130 8.47 1.65 18.69
CE MSE A 130 6.83 2.71 18.84
N GLN A 131 9.46 4.36 23.91
CA GLN A 131 9.94 5.54 24.65
C GLN A 131 11.05 5.19 25.63
N ALA A 132 10.90 4.07 26.32
CA ALA A 132 11.87 3.63 27.31
C ALA A 132 13.15 3.10 26.66
N ALA A 133 12.98 2.29 25.63
CA ALA A 133 14.10 1.54 25.06
C ALA A 133 14.93 2.31 24.02
N LEU A 134 14.29 3.09 23.15
CA LEU A 134 15.02 3.73 22.05
C LEU A 134 16.13 4.69 22.49
N PRO A 135 15.87 5.57 23.48
CA PRO A 135 16.96 6.45 23.92
C PRO A 135 18.13 5.68 24.51
N LYS A 136 17.77 4.69 25.33
CA LYS A 136 18.71 3.76 25.92
C LYS A 136 19.58 3.11 24.85
N MSE A 137 18.92 2.62 23.80
CA MSE A 137 19.60 1.99 22.65
C MSE A 137 20.47 2.95 21.88
O MSE A 137 21.64 2.66 21.59
CB MSE A 137 18.57 1.38 21.71
CG MSE A 137 18.03 0.06 22.17
SE MSE A 137 16.57 -0.57 21.01
CE MSE A 137 16.38 -2.38 21.74
N ALA A 138 19.90 4.10 21.52
CA ALA A 138 20.66 5.16 20.86
C ALA A 138 21.93 5.50 21.64
N ALA A 139 21.81 5.58 22.96
CA ALA A 139 22.94 5.95 23.83
C ALA A 139 23.89 4.78 24.07
N GLN A 140 23.53 3.60 23.60
CA GLN A 140 24.40 2.44 23.72
C GLN A 140 24.84 1.99 22.33
N GLY A 141 24.71 2.88 21.35
CA GLY A 141 25.25 2.63 20.02
C GLY A 141 24.23 2.31 18.94
N GLY A 142 23.30 1.40 19.25
CA GLY A 142 22.27 1.01 18.31
C GLY A 142 21.41 -0.13 18.83
N GLY A 143 20.54 -0.69 17.98
CA GLY A 143 19.69 -1.80 18.38
C GLY A 143 18.63 -2.18 17.36
N SER A 144 17.74 -3.09 17.76
CA SER A 144 16.65 -3.54 16.86
C SER A 144 15.36 -3.69 17.68
N VAL A 145 14.29 -3.03 17.23
CA VAL A 145 12.98 -3.18 17.86
C VAL A 145 12.03 -3.88 16.89
N ILE A 146 11.36 -4.93 17.36
CA ILE A 146 10.47 -5.74 16.51
C ILE A 146 9.08 -5.77 17.13
N ASN A 147 8.12 -5.17 16.43
CA ASN A 147 6.75 -5.12 16.89
C ASN A 147 5.89 -6.14 16.18
N ILE A 148 5.21 -6.99 16.92
CA ILE A 148 4.31 -7.96 16.31
C ILE A 148 2.96 -7.28 16.12
N ALA A 149 2.65 -6.95 14.88
CA ALA A 149 1.41 -6.27 14.57
C ALA A 149 0.41 -7.33 14.14
N SER A 150 -0.07 -7.22 12.91
CA SER A 150 -1.04 -8.15 12.35
C SER A 150 -1.32 -7.74 10.91
N VAL A 151 -1.71 -8.69 10.08
CA VAL A 151 -2.08 -8.37 8.71
C VAL A 151 -3.37 -7.56 8.73
N ALA A 152 -4.08 -7.58 9.86
CA ALA A 152 -5.29 -6.75 10.04
C ALA A 152 -5.01 -5.26 9.90
N ALA A 153 -3.75 -4.85 10.03
CA ALA A 153 -3.36 -3.46 9.80
C ALA A 153 -3.59 -3.04 8.34
N PHE A 154 -3.61 -4.03 7.45
CA PHE A 154 -3.75 -3.78 6.01
C PHE A 154 -5.05 -4.36 5.43
N LYS A 155 -5.46 -5.50 5.96
CA LYS A 155 -6.56 -6.26 5.37
C LYS A 155 -7.81 -6.31 6.26
N THR A 156 -8.88 -5.73 5.75
CA THR A 156 -10.17 -5.71 6.42
C THR A 156 -10.87 -7.06 6.43
N VAL A 157 -11.23 -7.57 7.60
CA VAL A 157 -12.03 -8.79 7.68
C VAL A 157 -13.18 -8.58 8.63
N PRO A 158 -14.27 -9.35 8.45
CA PRO A 158 -15.44 -9.14 9.30
C PRO A 158 -15.11 -9.33 10.78
N GLY A 159 -15.71 -8.47 11.59
CA GLY A 159 -15.72 -8.64 13.02
C GLY A 159 -14.42 -8.30 13.70
N ARG A 160 -13.61 -7.46 13.07
CA ARG A 160 -12.35 -7.04 13.68
C ARG A 160 -12.17 -5.53 13.67
N PHE A 161 -13.25 -4.80 13.97
CA PHE A 161 -13.24 -3.34 13.84
C PHE A 161 -12.15 -2.70 14.69
N ILE A 162 -12.22 -2.94 16.01
CA ILE A 162 -11.27 -2.33 16.93
C ILE A 162 -9.87 -2.89 16.67
N TYR A 163 -9.78 -4.20 16.50
CA TYR A 163 -8.45 -4.83 16.35
C TYR A 163 -7.64 -4.24 15.19
N SER A 164 -8.28 -4.05 14.05
N SER A 164 -8.28 -4.07 14.04
CA SER A 164 -7.58 -3.54 12.86
CA SER A 164 -7.60 -3.54 12.86
C SER A 164 -7.11 -2.10 13.08
C SER A 164 -7.11 -2.10 13.10
N ALA A 165 -7.95 -1.29 13.73
CA ALA A 165 -7.58 0.09 14.03
C ALA A 165 -6.32 0.16 14.90
N THR A 166 -6.25 -0.69 15.93
CA THR A 166 -5.09 -0.68 16.83
C THR A 166 -3.85 -1.12 16.06
N LYS A 167 -4.02 -2.10 15.20
CA LYS A 167 -2.84 -2.62 14.50
C LYS A 167 -2.37 -1.68 13.37
N ALA A 168 -3.27 -0.91 12.76
CA ALA A 168 -2.84 0.09 11.79
C ALA A 168 -2.08 1.21 12.51
N ALA A 169 -2.57 1.56 13.70
CA ALA A 169 -1.87 2.56 14.51
C ALA A 169 -0.47 2.05 14.82
N LEU A 170 -0.35 0.78 15.21
CA LEU A 170 0.95 0.20 15.56
C LEU A 170 1.94 0.24 14.39
N VAL A 171 1.47 -0.06 13.18
CA VAL A 171 2.36 -0.04 12.02
C VAL A 171 2.84 1.40 11.74
N ALA A 172 1.95 2.38 11.86
CA ALA A 172 2.31 3.78 11.64
C ALA A 172 3.36 4.23 12.66
N MSE A 173 3.19 3.81 13.90
CA MSE A 173 4.14 4.12 14.97
C MSE A 173 5.50 3.48 14.73
O MSE A 173 6.53 4.08 15.04
CB MSE A 173 3.61 3.65 16.32
CG MSE A 173 2.38 4.36 16.80
SE MSE A 173 1.54 3.31 18.23
CE MSE A 173 3.09 2.54 19.11
N THR A 174 5.49 2.25 14.24
CA THR A 174 6.73 1.54 13.90
C THR A 174 7.54 2.33 12.87
N LYS A 175 6.85 2.79 11.84
CA LYS A 175 7.50 3.54 10.78
C LYS A 175 7.97 4.91 11.25
N ALA A 176 7.17 5.57 12.08
CA ALA A 176 7.57 6.86 12.64
C ALA A 176 8.84 6.73 13.51
N ALA A 177 8.84 5.74 14.38
CA ALA A 177 10.01 5.47 15.22
C ALA A 177 11.24 5.13 14.35
N ALA A 178 11.02 4.34 13.31
CA ALA A 178 12.12 3.94 12.42
C ALA A 178 12.79 5.13 11.78
N LEU A 179 11.98 6.04 11.22
CA LEU A 179 12.55 7.23 10.60
C LEU A 179 13.35 8.05 11.58
N GLU A 180 12.78 8.28 12.77
CA GLU A 180 13.40 9.22 13.70
C GLU A 180 14.73 8.66 14.23
N PHE A 181 14.80 7.35 14.43
CA PHE A 181 15.98 6.77 15.09
C PHE A 181 16.96 6.05 14.15
N ALA A 182 16.67 6.06 12.85
CA ALA A 182 17.60 5.48 11.87
C ALA A 182 18.99 6.13 11.95
N PRO A 183 19.08 7.47 12.05
CA PRO A 183 20.43 8.04 12.16
C PRO A 183 21.15 7.65 13.46
N LYS A 184 20.45 6.98 14.37
CA LYS A 184 21.03 6.64 15.67
C LYS A 184 21.36 5.15 15.78
N GLY A 185 21.20 4.41 14.69
CA GLY A 185 21.52 2.98 14.68
C GLY A 185 20.45 2.06 15.25
N VAL A 186 19.23 2.57 15.45
CA VAL A 186 18.18 1.71 15.94
C VAL A 186 17.16 1.41 14.83
N ARG A 187 17.06 0.14 14.48
CA ARG A 187 16.09 -0.32 13.48
C ARG A 187 14.76 -0.60 14.17
N VAL A 188 13.66 -0.22 13.53
CA VAL A 188 12.35 -0.55 14.05
C VAL A 188 11.51 -1.17 12.93
N ASN A 189 10.99 -2.37 13.16
CA ASN A 189 10.22 -3.07 12.13
C ASN A 189 9.03 -3.77 12.73
N ALA A 190 8.05 -4.10 11.88
CA ALA A 190 6.90 -4.85 12.33
C ALA A 190 6.77 -6.15 11.54
N ILE A 191 6.35 -7.21 12.21
CA ILE A 191 5.94 -8.42 11.51
C ILE A 191 4.42 -8.49 11.62
N CYS A 192 3.77 -8.77 10.51
CA CYS A 192 2.31 -8.74 10.44
C CYS A 192 1.78 -10.13 10.14
N PRO A 193 1.62 -10.95 11.19
CA PRO A 193 1.12 -12.31 10.96
C PRO A 193 -0.33 -12.36 10.54
N GLY A 194 -0.67 -13.42 9.81
CA GLY A 194 -2.06 -13.77 9.57
C GLY A 194 -2.55 -14.64 10.71
N THR A 195 -3.25 -15.71 10.37
CA THR A 195 -3.82 -16.62 11.37
C THR A 195 -2.79 -17.65 11.80
N VAL A 196 -2.27 -17.50 13.01
CA VAL A 196 -1.24 -18.38 13.55
C VAL A 196 -1.79 -19.18 14.74
N ASP A 197 -1.57 -20.49 14.71
CA ASP A 197 -2.04 -21.38 15.77
C ASP A 197 -1.32 -21.07 17.07
N THR A 198 -2.06 -20.45 17.99
CA THR A 198 -1.52 -20.04 19.28
C THR A 198 -2.51 -20.40 20.36
N PRO A 199 -2.06 -20.42 21.63
CA PRO A 199 -3.06 -20.66 22.67
C PRO A 199 -4.19 -19.63 22.69
N SER A 200 -3.92 -18.38 22.32
CA SER A 200 -4.99 -17.39 22.38
C SER A 200 -5.97 -17.64 21.23
N LEU A 201 -5.47 -18.08 20.09
CA LEU A 201 -6.35 -18.43 18.99
C LEU A 201 -7.22 -19.64 19.33
N ARG A 202 -6.62 -20.64 19.97
CA ARG A 202 -7.34 -21.85 20.32
C ARG A 202 -8.49 -21.55 21.27
N GLU A 203 -8.28 -20.66 22.23
CA GLU A 203 -9.36 -20.35 23.17
C GLU A 203 -10.46 -19.55 22.45
N ARG A 204 -10.10 -18.70 21.49
CA ARG A 204 -11.13 -18.00 20.70
C ARG A 204 -11.91 -18.93 19.75
N ALA A 205 -11.22 -19.89 19.16
CA ALA A 205 -11.83 -20.80 18.19
C ALA A 205 -12.19 -22.18 18.74
N GLY A 206 -11.87 -22.45 20.00
CA GLY A 206 -12.29 -23.68 20.66
C GLY A 206 -11.47 -24.92 20.35
N GLY A 207 -10.18 -24.85 20.60
CA GLY A 207 -9.32 -26.02 20.42
C GLY A 207 -8.79 -26.13 19.01
N GLU A 208 -7.93 -27.12 18.76
CA GLU A 208 -7.31 -27.20 17.45
C GLU A 208 -8.22 -27.84 16.41
N GLU A 209 -9.25 -28.56 16.83
CA GLU A 209 -10.18 -29.02 15.82
C GLU A 209 -11.26 -27.97 15.56
N GLY A 210 -11.49 -27.09 16.52
CA GLY A 210 -12.17 -25.85 16.22
C GLY A 210 -11.40 -25.18 15.08
N LEU A 211 -10.07 -25.25 15.18
CA LEU A 211 -9.20 -24.64 14.18
C LEU A 211 -9.13 -25.41 12.87
N ARG A 212 -9.52 -26.68 12.88
CA ARG A 212 -9.43 -27.47 11.66
C ARG A 212 -10.35 -26.90 10.60
N ALA A 213 -11.50 -26.36 11.05
CA ALA A 213 -12.50 -25.76 10.16
C ALA A 213 -11.93 -24.59 9.38
N PHE A 214 -11.35 -23.63 10.09
CA PHE A 214 -10.80 -22.44 9.46
C PHE A 214 -9.52 -22.76 8.67
N ALA A 215 -8.72 -23.70 9.18
CA ALA A 215 -7.55 -24.18 8.45
C ALA A 215 -7.97 -24.71 7.08
N GLU A 216 -9.15 -25.32 7.02
CA GLU A 216 -9.73 -25.76 5.77
C GLU A 216 -10.06 -24.60 4.83
N ARG A 217 -10.31 -23.42 5.37
CA ARG A 217 -10.66 -22.26 4.55
C ARG A 217 -9.45 -21.53 3.97
N GLN A 218 -8.28 -21.73 4.58
CA GLN A 218 -7.06 -21.08 4.12
C GLN A 218 -6.62 -21.59 2.75
N LEU A 219 -5.89 -20.76 2.02
CA LEU A 219 -5.33 -21.14 0.74
C LEU A 219 -4.40 -22.33 0.88
N LEU A 220 -3.53 -22.27 1.88
CA LEU A 220 -2.54 -23.31 2.12
C LEU A 220 -3.11 -24.48 2.88
N LYS A 221 -4.41 -24.42 3.16
CA LYS A 221 -5.12 -25.47 3.89
C LYS A 221 -4.53 -25.75 5.28
N ARG A 222 -3.83 -24.76 5.83
CA ARG A 222 -3.32 -24.87 7.19
C ARG A 222 -3.05 -23.48 7.77
N LEU A 223 -2.92 -23.44 9.09
CA LEU A 223 -2.62 -22.20 9.80
C LEU A 223 -1.12 -22.02 9.99
N GLY A 224 -0.69 -20.79 10.24
CA GLY A 224 0.71 -20.52 10.48
C GLY A 224 1.18 -21.11 11.80
N ARG A 225 2.49 -21.26 11.90
CA ARG A 225 3.11 -21.74 13.12
C ARG A 225 3.89 -20.62 13.79
N PRO A 226 3.85 -20.55 15.13
CA PRO A 226 4.65 -19.53 15.83
C PRO A 226 6.13 -19.58 15.43
N GLU A 227 6.66 -20.77 15.18
CA GLU A 227 8.06 -20.92 14.75
C GLU A 227 8.36 -20.18 13.43
N GLU A 228 7.36 -20.14 12.54
CA GLU A 228 7.52 -19.46 11.25
C GLU A 228 7.68 -17.95 11.46
N ILE A 229 6.98 -17.43 12.46
CA ILE A 229 7.12 -16.02 12.78
C ILE A 229 8.43 -15.76 13.52
N ALA A 230 8.81 -16.67 14.42
CA ALA A 230 10.03 -16.51 15.19
C ALA A 230 11.27 -16.45 14.29
N ALA A 231 11.28 -17.25 13.23
CA ALA A 231 12.47 -17.31 12.38
C ALA A 231 12.67 -15.97 11.68
N LEU A 232 11.57 -15.29 11.38
CA LEU A 232 11.67 -14.00 10.72
C LEU A 232 12.16 -12.96 11.72
N ALA A 233 11.71 -13.06 12.97
CA ALA A 233 12.22 -12.16 14.02
C ALA A 233 13.73 -12.33 14.21
N VAL A 234 14.20 -13.57 14.13
CA VAL A 234 15.63 -13.83 14.30
C VAL A 234 16.37 -13.04 13.22
N TYR A 235 15.88 -13.12 11.98
CA TYR A 235 16.46 -12.34 10.90
C TYR A 235 16.54 -10.84 11.24
N LEU A 236 15.43 -10.24 11.66
CA LEU A 236 15.40 -8.80 11.96
C LEU A 236 16.31 -8.44 13.14
N ALA A 237 16.47 -9.35 14.10
CA ALA A 237 17.33 -9.10 15.26
C ALA A 237 18.81 -9.24 14.91
N SER A 238 19.09 -10.03 13.87
CA SER A 238 20.47 -10.39 13.53
C SER A 238 21.22 -9.24 12.85
N ASP A 239 22.54 -9.37 12.80
CA ASP A 239 23.37 -8.42 12.06
C ASP A 239 22.97 -8.37 10.58
N GLU A 240 22.50 -9.49 10.03
CA GLU A 240 22.02 -9.53 8.64
C GLU A 240 20.67 -8.83 8.44
N GLY A 241 19.97 -8.53 9.51
CA GLY A 241 18.72 -7.77 9.40
C GLY A 241 18.90 -6.26 9.49
N ALA A 242 20.16 -5.82 9.49
CA ALA A 242 20.49 -4.44 9.82
C ALA A 242 20.12 -3.40 8.77
N PHE A 243 19.77 -3.84 7.56
CA PHE A 243 19.39 -2.87 6.51
C PHE A 243 17.89 -2.75 6.40
N ALA A 244 17.17 -3.50 7.23
CA ALA A 244 15.71 -3.40 7.24
C ALA A 244 15.28 -2.48 8.36
N THR A 245 14.60 -1.39 8.01
CA THR A 245 13.98 -0.57 9.03
C THR A 245 12.76 0.11 8.43
N GLY A 246 11.72 0.25 9.25
CA GLY A 246 10.50 0.83 8.76
C GLY A 246 9.66 -0.12 7.94
N SER A 247 10.05 -1.41 7.92
CA SER A 247 9.30 -2.40 7.15
C SER A 247 8.18 -3.08 7.95
N ALA A 248 7.14 -3.51 7.26
CA ALA A 248 6.09 -4.33 7.83
C ALA A 248 6.00 -5.63 7.05
N PHE A 249 6.58 -6.69 7.61
CA PHE A 249 6.65 -7.98 6.95
C PHE A 249 5.40 -8.82 7.10
N VAL A 250 4.67 -9.04 6.01
CA VAL A 250 3.45 -9.83 6.09
C VAL A 250 3.77 -11.31 5.97
N VAL A 251 3.29 -12.11 6.93
CA VAL A 251 3.37 -13.56 6.86
C VAL A 251 2.00 -14.12 7.17
N ASP A 252 1.20 -14.38 6.13
CA ASP A 252 -0.23 -14.57 6.30
C ASP A 252 -0.83 -15.67 5.43
N GLY A 253 0.03 -16.49 4.82
CA GLY A 253 -0.42 -17.60 4.02
C GLY A 253 -1.22 -17.20 2.81
N GLY A 254 -1.03 -15.97 2.36
CA GLY A 254 -1.73 -15.44 1.21
C GLY A 254 -3.15 -14.96 1.50
N MSE A 255 -3.55 -14.95 2.77
CA MSE A 255 -4.94 -14.63 3.11
C MSE A 255 -5.33 -13.21 2.75
O MSE A 255 -6.51 -12.93 2.50
CB MSE A 255 -5.19 -14.86 4.61
CG MSE A 255 -4.47 -13.88 5.52
SE MSE A 255 -5.44 -13.39 7.15
CE MSE A 255 -6.59 -12.03 6.35
N SER A 256 -4.38 -12.28 2.71
CA SER A 256 -4.72 -10.91 2.33
C SER A 256 -4.62 -10.66 0.82
N LEU A 257 -4.37 -11.70 0.04
CA LEU A 257 -4.35 -11.54 -1.40
C LEU A 257 -5.79 -11.34 -1.92
N MSE B 24 -25.88 21.49 -8.54
CA MSE B 24 -26.66 20.39 -9.08
C MSE B 24 -26.15 19.00 -8.64
O MSE B 24 -26.88 18.02 -8.77
CB MSE B 24 -26.70 20.47 -10.61
CG MSE B 24 -25.36 20.25 -11.31
SE MSE B 24 -25.56 19.50 -13.09
CE MSE B 24 -27.04 20.60 -13.72
N LYS B 25 -24.93 18.89 -8.12
CA LYS B 25 -24.40 17.58 -7.75
C LYS B 25 -25.09 16.98 -6.51
N LEU B 26 -25.61 17.82 -5.62
CA LEU B 26 -26.19 17.32 -4.36
C LEU B 26 -27.61 17.78 -4.10
N LYS B 27 -28.37 18.08 -5.17
CA LYS B 27 -29.75 18.53 -5.02
C LYS B 27 -30.59 17.60 -4.17
N GLY B 28 -31.15 18.13 -3.09
CA GLY B 28 -32.06 17.36 -2.27
C GLY B 28 -31.42 16.49 -1.20
N LYS B 29 -30.09 16.40 -1.20
CA LYS B 29 -29.40 15.64 -0.17
C LYS B 29 -29.35 16.41 1.14
N LYS B 30 -29.53 15.69 2.25
CA LYS B 30 -29.33 16.28 3.58
C LYS B 30 -27.97 15.85 4.12
N ALA B 31 -27.12 16.83 4.46
CA ALA B 31 -25.76 16.55 4.90
C ALA B 31 -25.50 17.07 6.31
N LEU B 32 -24.75 16.31 7.11
CA LEU B 32 -24.24 16.79 8.39
C LEU B 32 -22.72 16.85 8.26
N VAL B 33 -22.13 18.01 8.56
CA VAL B 33 -20.66 18.12 8.58
C VAL B 33 -20.21 18.40 10.02
N ILE B 34 -19.39 17.51 10.58
CA ILE B 34 -18.92 17.70 11.93
C ILE B 34 -17.60 18.44 11.89
N ALA B 35 -17.46 19.46 12.74
CA ALA B 35 -16.36 20.45 12.73
C ALA B 35 -16.40 21.25 11.44
N ALA B 36 -17.58 21.82 11.16
CA ALA B 36 -17.82 22.59 9.95
C ALA B 36 -17.44 24.07 10.10
N GLY B 37 -16.89 24.42 11.25
CA GLY B 37 -16.72 25.83 11.59
C GLY B 37 -15.57 26.53 10.88
N GLN B 38 -14.54 25.78 10.53
CA GLN B 38 -13.39 26.40 9.90
C GLN B 38 -12.65 25.43 9.01
N GLY B 39 -11.71 25.94 8.24
CA GLY B 39 -10.81 25.09 7.49
C GLY B 39 -11.49 24.15 6.51
N ILE B 40 -11.07 22.89 6.49
CA ILE B 40 -11.60 21.93 5.52
C ILE B 40 -13.09 21.68 5.76
N GLY B 41 -13.49 21.54 7.02
CA GLY B 41 -14.89 21.28 7.34
C GLY B 41 -15.79 22.39 6.82
N ARG B 42 -15.37 23.62 7.04
CA ARG B 42 -16.13 24.75 6.54
C ARG B 42 -16.21 24.77 5.02
N ALA B 43 -15.10 24.52 4.34
CA ALA B 43 -15.11 24.53 2.88
C ALA B 43 -16.06 23.46 2.36
N ILE B 44 -16.09 22.32 3.04
CA ILE B 44 -16.97 21.24 2.63
C ILE B 44 -18.43 21.63 2.83
N ALA B 45 -18.75 22.22 3.98
CA ALA B 45 -20.13 22.65 4.22
C ALA B 45 -20.61 23.68 3.18
N GLU B 46 -19.76 24.66 2.85
CA GLU B 46 -20.13 25.67 1.85
C GLU B 46 -20.25 25.09 0.44
N ALA B 47 -19.31 24.21 0.08
CA ALA B 47 -19.37 23.55 -1.21
C ALA B 47 -20.64 22.70 -1.38
N PHE B 48 -21.02 21.99 -0.32
CA PHE B 48 -22.22 21.15 -0.35
C PHE B 48 -23.45 22.01 -0.60
N GLN B 49 -23.49 23.15 0.05
CA GLN B 49 -24.61 24.06 -0.12
C GLN B 49 -24.69 24.64 -1.53
N ARG B 50 -23.53 24.98 -2.12
CA ARG B 50 -23.50 25.48 -3.49
C ARG B 50 -23.97 24.42 -4.47
N GLU B 51 -23.80 23.15 -4.09
CA GLU B 51 -24.22 22.04 -4.94
C GLU B 51 -25.61 21.53 -4.59
N GLY B 52 -26.38 22.33 -3.86
CA GLY B 52 -27.79 22.06 -3.68
C GLY B 52 -28.22 21.26 -2.46
N ALA B 53 -27.28 20.86 -1.61
CA ALA B 53 -27.62 20.04 -0.44
C ALA B 53 -28.19 20.89 0.69
N GLU B 54 -29.07 20.30 1.49
CA GLU B 54 -29.46 20.90 2.77
C GLU B 54 -28.40 20.52 3.78
N VAL B 55 -27.65 21.50 4.25
CA VAL B 55 -26.49 21.23 5.10
C VAL B 55 -26.72 21.69 6.51
N LEU B 56 -26.34 20.85 7.47
CA LEU B 56 -26.22 21.29 8.86
C LEU B 56 -24.76 21.21 9.27
N GLY B 57 -24.18 22.34 9.67
CA GLY B 57 -22.79 22.33 10.10
C GLY B 57 -22.72 22.25 11.62
N ALA B 58 -22.07 21.23 12.14
CA ALA B 58 -21.91 21.12 13.59
C ALA B 58 -20.50 21.46 13.99
N THR B 59 -20.35 22.20 15.07
CA THR B 59 -19.04 22.77 15.38
C THR B 59 -19.00 23.35 16.79
N LEU B 60 -17.81 23.47 17.36
CA LEU B 60 -17.66 24.19 18.62
C LEU B 60 -17.97 25.65 18.45
N HIS B 61 -17.96 26.13 17.20
CA HIS B 61 -18.11 27.56 16.94
C HIS B 61 -19.15 27.87 15.87
N PRO B 62 -20.42 27.65 16.18
CA PRO B 62 -21.44 27.84 15.14
C PRO B 62 -21.52 29.29 14.68
N GLU B 63 -21.08 30.22 15.53
CA GLU B 63 -21.06 31.63 15.16
C GLU B 63 -20.23 31.87 13.89
N LYS B 64 -19.28 30.98 13.60
CA LYS B 64 -18.46 31.15 12.40
C LYS B 64 -19.28 30.88 11.13
N LEU B 65 -20.32 30.07 11.24
CA LEU B 65 -21.14 29.65 10.09
C LEU B 65 -22.43 30.44 9.91
N GLN B 66 -22.84 31.17 10.94
CA GLN B 66 -24.19 31.71 10.94
C GLN B 66 -24.41 32.68 9.77
N GLY B 67 -25.62 32.67 9.22
CA GLY B 67 -25.98 33.49 8.09
C GLY B 67 -25.65 32.81 6.77
N VAL B 68 -24.62 32.00 6.80
CA VAL B 68 -24.10 31.35 5.60
C VAL B 68 -24.58 29.90 5.51
N VAL B 69 -24.38 29.14 6.59
CA VAL B 69 -24.78 27.74 6.65
C VAL B 69 -25.57 27.49 7.94
N PRO B 70 -26.67 26.71 7.87
CA PRO B 70 -27.34 26.35 9.13
C PRO B 70 -26.37 25.63 10.05
N ALA B 71 -26.34 26.01 11.32
CA ALA B 71 -25.31 25.51 12.21
C ALA B 71 -25.85 25.17 13.58
N VAL B 72 -25.19 24.22 14.24
CA VAL B 72 -25.49 23.87 15.63
C VAL B 72 -24.19 23.68 16.41
N ARG B 73 -24.23 23.90 17.73
CA ARG B 73 -23.05 23.66 18.53
C ARG B 73 -22.94 22.18 18.84
N LEU B 74 -21.76 21.62 18.61
CA LEU B 74 -21.45 20.24 18.98
C LEU B 74 -19.99 20.13 19.36
N ASP B 75 -19.73 19.56 20.52
CA ASP B 75 -18.41 19.13 20.92
C ASP B 75 -18.27 17.66 20.55
N ALA B 76 -17.44 17.36 19.55
CA ALA B 76 -17.32 15.99 19.07
C ALA B 76 -16.67 15.06 20.12
N ARG B 77 -16.09 15.63 21.18
CA ARG B 77 -15.52 14.81 22.26
C ARG B 77 -16.59 14.21 23.19
N ASP B 78 -17.82 14.71 23.10
CA ASP B 78 -18.93 14.32 23.98
C ASP B 78 -19.79 13.25 23.29
N LYS B 79 -19.64 12.00 23.71
CA LYS B 79 -20.30 10.89 23.02
C LYS B 79 -21.82 11.04 22.98
N GLU B 80 -22.41 11.41 24.11
CA GLU B 80 -23.86 11.57 24.25
C GLU B 80 -24.38 12.63 23.28
N ALA B 81 -23.64 13.73 23.16
CA ALA B 81 -24.01 14.82 22.26
C ALA B 81 -23.99 14.39 20.82
N VAL B 82 -22.99 13.59 20.45
CA VAL B 82 -22.86 13.12 19.09
C VAL B 82 -24.04 12.22 18.71
N PHE B 83 -24.37 11.27 19.57
CA PHE B 83 -25.48 10.37 19.28
C PHE B 83 -26.81 11.15 19.23
N ARG B 84 -26.96 12.11 20.13
CA ARG B 84 -28.21 12.86 20.25
C ARG B 84 -28.49 13.65 18.97
N LEU B 85 -27.45 14.34 18.49
CA LEU B 85 -27.60 15.11 17.26
C LEU B 85 -27.95 14.23 16.09
N ILE B 86 -27.17 13.16 15.90
CA ILE B 86 -27.37 12.33 14.73
C ILE B 86 -28.70 11.59 14.76
N GLN B 87 -29.03 10.97 15.89
CA GLN B 87 -30.25 10.19 15.98
C GLN B 87 -31.48 11.08 15.95
N GLY B 88 -31.28 12.37 16.25
CA GLY B 88 -32.37 13.33 16.21
C GLY B 88 -32.71 13.87 14.83
N LEU B 89 -31.87 13.59 13.84
CA LEU B 89 -32.12 14.11 12.50
C LEU B 89 -33.20 13.27 11.81
N ASP B 90 -34.05 13.95 11.05
CA ASP B 90 -35.12 13.30 10.29
C ASP B 90 -34.57 12.26 9.34
N ARG B 91 -33.57 12.69 8.57
CA ARG B 91 -32.99 11.92 7.50
C ARG B 91 -31.57 12.40 7.37
N LEU B 92 -30.69 11.50 6.95
CA LEU B 92 -29.29 11.87 6.84
C LEU B 92 -28.67 11.15 5.63
N ASP B 93 -28.42 11.90 4.55
CA ASP B 93 -27.84 11.29 3.33
C ASP B 93 -26.31 11.27 3.34
N VAL B 94 -25.70 12.28 3.96
CA VAL B 94 -24.25 12.44 3.93
C VAL B 94 -23.72 12.85 5.30
N LEU B 95 -22.69 12.16 5.77
CA LEU B 95 -22.02 12.55 7.01
C LEU B 95 -20.56 12.82 6.72
N VAL B 96 -20.08 13.99 7.12
CA VAL B 96 -18.66 14.29 7.01
C VAL B 96 -18.05 14.45 8.39
N ASN B 97 -17.02 13.66 8.68
CA ASN B 97 -16.26 13.82 9.90
C ASN B 97 -14.99 14.60 9.62
N ALA B 98 -15.03 15.91 9.84
CA ALA B 98 -13.87 16.75 9.59
C ALA B 98 -13.20 17.21 10.89
N GLN B 99 -13.59 16.61 12.00
CA GLN B 99 -13.00 16.98 13.30
C GLN B 99 -11.57 16.45 13.42
N GLY B 100 -10.71 17.17 14.13
CA GLY B 100 -9.36 16.67 14.40
C GLY B 100 -8.43 17.65 15.07
N VAL B 101 -7.31 17.13 15.55
CA VAL B 101 -6.28 17.94 16.18
C VAL B 101 -4.91 17.41 15.73
N VAL B 102 -3.92 18.29 15.61
CA VAL B 102 -2.61 17.89 15.15
C VAL B 102 -1.58 18.12 16.25
N PRO B 103 -1.36 17.10 17.10
CA PRO B 103 -0.29 17.29 18.09
C PRO B 103 1.06 17.25 17.37
N VAL B 104 2.06 17.91 17.94
CA VAL B 104 3.37 17.90 17.30
C VAL B 104 4.37 17.26 18.23
N GLY B 105 5.36 16.60 17.65
CA GLY B 105 6.42 16.00 18.42
C GLY B 105 6.82 14.62 17.95
N GLY B 106 8.08 14.28 18.17
CA GLY B 106 8.57 12.93 17.96
C GLY B 106 8.20 12.01 19.11
N LEU B 107 8.74 10.80 19.06
CA LEU B 107 8.44 9.76 20.03
C LEU B 107 8.62 10.21 21.48
N LEU B 108 9.75 10.86 21.75
CA LEU B 108 10.08 11.19 23.14
C LEU B 108 9.38 12.47 23.57
N GLU B 109 9.00 13.28 22.60
CA GLU B 109 8.30 14.53 22.86
C GLU B 109 6.86 14.24 23.22
N ALA B 110 6.27 13.28 22.50
CA ALA B 110 4.86 12.91 22.68
C ALA B 110 4.54 12.52 24.12
N THR B 111 3.39 12.99 24.60
CA THR B 111 2.95 12.68 25.95
C THR B 111 1.70 11.81 25.96
N ASP B 112 1.40 11.20 27.10
CA ASP B 112 0.16 10.42 27.20
C ASP B 112 -1.08 11.31 27.05
N GLN B 113 -0.99 12.56 27.50
CA GLN B 113 -2.09 13.50 27.29
C GLN B 113 -2.31 13.80 25.80
N ASP B 114 -1.22 13.99 25.05
CA ASP B 114 -1.28 14.14 23.58
C ASP B 114 -2.00 12.95 22.98
N TRP B 115 -1.58 11.77 23.40
CA TRP B 115 -2.15 10.51 22.92
C TRP B 115 -3.66 10.46 23.14
N GLU B 116 -4.08 10.64 24.39
CA GLU B 116 -5.50 10.56 24.73
C GLU B 116 -6.32 11.59 23.97
N GLU B 117 -5.84 12.83 23.93
CA GLU B 117 -6.65 13.88 23.31
C GLU B 117 -6.76 13.68 21.80
N ALA B 118 -5.67 13.25 21.17
CA ALA B 118 -5.70 13.08 19.72
C ALA B 118 -6.45 11.81 19.35
N PHE B 119 -6.27 10.72 20.09
CA PHE B 119 -7.06 9.52 19.74
C PHE B 119 -8.57 9.73 20.02
N LEU B 120 -8.90 10.51 21.03
CA LEU B 120 -10.32 10.82 21.30
C LEU B 120 -10.98 11.58 20.14
N LEU B 121 -10.38 12.68 19.74
CA LEU B 121 -10.99 13.53 18.72
C LEU B 121 -10.82 12.98 17.32
N ASN B 122 -9.61 12.51 16.99
CA ASN B 122 -9.29 12.09 15.61
C ASN B 122 -9.87 10.75 15.23
N ALA B 123 -10.14 9.92 16.23
CA ALA B 123 -10.55 8.54 15.94
C ALA B 123 -11.78 8.09 16.72
N LYS B 124 -11.75 8.17 18.04
CA LYS B 124 -12.87 7.66 18.83
C LYS B 124 -14.18 8.42 18.54
N SER B 125 -14.10 9.73 18.31
CA SER B 125 -15.32 10.47 18.03
C SER B 125 -15.91 10.10 16.67
N VAL B 126 -15.06 9.63 15.76
CA VAL B 126 -15.51 9.14 14.45
C VAL B 126 -16.16 7.75 14.61
N PHE B 127 -15.57 6.93 15.47
CA PHE B 127 -16.17 5.67 15.92
C PHE B 127 -17.62 5.92 16.36
N TRP B 128 -17.81 6.91 17.22
CA TRP B 128 -19.13 7.22 17.76
C TRP B 128 -20.08 7.72 16.68
N ALA B 129 -19.60 8.66 15.87
CA ALA B 129 -20.41 9.25 14.80
C ALA B 129 -20.89 8.14 13.85
N MSE B 130 -20.02 7.17 13.58
CA MSE B 130 -20.41 6.13 12.64
C MSE B 130 -21.38 5.14 13.32
O MSE B 130 -22.30 4.64 12.68
CB MSE B 130 -19.17 5.40 12.11
CG MSE B 130 -18.42 6.28 11.11
SE MSE B 130 -17.12 5.28 10.10
CE MSE B 130 -16.11 4.51 11.57
N GLN B 131 -21.15 4.85 14.60
CA GLN B 131 -22.08 3.99 15.34
C GLN B 131 -23.46 4.60 15.36
N ALA B 132 -23.53 5.92 15.47
CA ALA B 132 -24.82 6.59 15.45
C ALA B 132 -25.44 6.60 14.04
N ALA B 133 -24.63 6.94 13.04
CA ALA B 133 -25.16 7.24 11.72
C ALA B 133 -25.40 6.04 10.84
N LEU B 134 -24.49 5.07 10.85
CA LEU B 134 -24.58 3.98 9.87
C LEU B 134 -25.88 3.15 9.97
N PRO B 135 -26.30 2.73 11.19
CA PRO B 135 -27.57 2.00 11.30
C PRO B 135 -28.77 2.81 10.82
N LYS B 136 -28.74 4.11 11.11
CA LYS B 136 -29.80 5.01 10.69
C LYS B 136 -29.85 5.10 9.17
N MSE B 137 -28.70 5.29 8.54
CA MSE B 137 -28.63 5.33 7.08
C MSE B 137 -29.06 4.01 6.46
O MSE B 137 -29.80 3.99 5.46
CB MSE B 137 -27.21 5.68 6.64
CG MSE B 137 -26.87 7.15 6.84
SE MSE B 137 -24.95 7.41 6.56
CE MSE B 137 -24.90 9.34 6.33
N ALA B 138 -28.62 2.90 7.05
CA ALA B 138 -28.95 1.57 6.55
C ALA B 138 -30.46 1.37 6.50
N ALA B 139 -31.15 1.88 7.51
CA ALA B 139 -32.59 1.70 7.60
C ALA B 139 -33.36 2.72 6.76
N GLN B 140 -32.68 3.75 6.28
CA GLN B 140 -33.33 4.83 5.53
C GLN B 140 -32.77 5.05 4.14
N GLY B 141 -32.50 3.98 3.39
CA GLY B 141 -32.06 4.12 2.01
C GLY B 141 -30.62 4.57 1.80
N GLY B 142 -29.74 4.18 2.72
CA GLY B 142 -28.31 4.33 2.52
C GLY B 142 -27.77 5.74 2.69
N GLY B 143 -26.56 5.95 2.22
CA GLY B 143 -25.92 7.25 2.36
C GLY B 143 -24.41 7.15 2.19
N SER B 144 -23.73 8.24 2.49
CA SER B 144 -22.31 8.39 2.22
C SER B 144 -21.64 9.02 3.44
N VAL B 145 -20.58 8.38 3.94
CA VAL B 145 -19.84 8.89 5.08
C VAL B 145 -18.44 9.22 4.60
N ILE B 146 -18.00 10.45 4.83
CA ILE B 146 -16.69 10.87 4.37
C ILE B 146 -15.83 11.26 5.59
N ASN B 147 -14.74 10.53 5.81
CA ASN B 147 -13.86 10.85 6.92
C ASN B 147 -12.64 11.63 6.43
N ILE B 148 -12.35 12.76 7.06
CA ILE B 148 -11.16 13.52 6.67
C ILE B 148 -10.00 12.99 7.52
N ALA B 149 -9.14 12.19 6.90
CA ALA B 149 -7.99 11.64 7.59
C ALA B 149 -6.78 12.53 7.34
N SER B 150 -5.72 11.96 6.77
CA SER B 150 -4.50 12.68 6.45
C SER B 150 -3.57 11.75 5.71
N VAL B 151 -2.69 12.33 4.89
CA VAL B 151 -1.73 11.51 4.19
C VAL B 151 -0.72 10.95 5.21
N ALA B 152 -0.69 11.53 6.40
CA ALA B 152 0.10 11.00 7.51
C ALA B 152 -0.27 9.55 7.87
N ALA B 153 -1.44 9.09 7.42
CA ALA B 153 -1.82 7.70 7.64
C ALA B 153 -0.91 6.77 6.87
N PHE B 154 -0.29 7.28 5.81
CA PHE B 154 0.52 6.47 4.90
C PHE B 154 1.97 6.91 4.86
N LYS B 155 2.19 8.21 5.01
CA LYS B 155 3.51 8.81 4.82
C LYS B 155 4.07 9.31 6.15
N THR B 156 5.22 8.76 6.53
CA THR B 156 5.95 9.17 7.71
C THR B 156 6.68 10.51 7.52
N VAL B 157 6.42 11.46 8.42
CA VAL B 157 7.15 12.72 8.44
C VAL B 157 7.57 13.06 9.87
N PRO B 158 8.69 13.80 10.03
CA PRO B 158 9.16 14.06 11.40
C PRO B 158 8.16 14.87 12.24
N GLY B 159 8.13 14.61 13.53
CA GLY B 159 7.34 15.44 14.43
C GLY B 159 5.86 15.13 14.41
N ARG B 160 5.48 13.98 13.87
CA ARG B 160 4.07 13.63 13.81
C ARG B 160 3.78 12.24 14.34
N PHE B 161 4.44 11.86 15.44
CA PHE B 161 4.29 10.50 15.93
C PHE B 161 2.83 10.19 16.29
N ILE B 162 2.24 10.95 17.21
CA ILE B 162 0.85 10.67 17.60
C ILE B 162 -0.14 10.84 16.43
N TYR B 163 -0.02 11.97 15.73
CA TYR B 163 -0.94 12.27 14.63
C TYR B 163 -1.04 11.14 13.60
N SER B 164 0.11 10.63 13.18
CA SER B 164 0.17 9.54 12.20
C SER B 164 -0.56 8.29 12.68
N ALA B 165 -0.35 7.94 13.95
CA ALA B 165 -1.01 6.78 14.53
C ALA B 165 -2.54 6.91 14.48
N THR B 166 -3.05 8.08 14.86
CA THR B 166 -4.50 8.27 14.88
C THR B 166 -5.10 8.20 13.48
N LYS B 167 -4.41 8.77 12.50
CA LYS B 167 -4.99 8.82 11.15
C LYS B 167 -4.89 7.46 10.44
N ALA B 168 -3.86 6.68 10.75
CA ALA B 168 -3.83 5.30 10.28
C ALA B 168 -4.97 4.49 10.91
N ALA B 169 -5.22 4.68 12.21
CA ALA B 169 -6.36 4.00 12.82
C ALA B 169 -7.64 4.39 12.08
N LEU B 170 -7.77 5.67 11.76
CA LEU B 170 -9.01 6.17 11.14
C LEU B 170 -9.20 5.56 9.74
N VAL B 171 -8.13 5.40 8.98
CA VAL B 171 -8.28 4.80 7.65
C VAL B 171 -8.70 3.34 7.78
N ALA B 172 -8.11 2.63 8.74
CA ALA B 172 -8.51 1.24 8.98
C ALA B 172 -9.99 1.13 9.35
N MSE B 173 -10.45 2.04 10.21
CA MSE B 173 -11.85 2.10 10.62
C MSE B 173 -12.80 2.38 9.43
O MSE B 173 -13.88 1.82 9.34
CB MSE B 173 -12.04 3.20 11.69
CG MSE B 173 -11.37 2.87 13.01
SE MSE B 173 -11.15 4.50 14.06
CE MSE B 173 -12.97 5.20 13.93
N THR B 174 -12.36 3.27 8.56
CA THR B 174 -13.10 3.61 7.36
C THR B 174 -13.34 2.37 6.50
N LYS B 175 -12.27 1.62 6.26
CA LYS B 175 -12.38 0.41 5.44
C LYS B 175 -13.23 -0.67 6.12
N ALA B 176 -13.08 -0.80 7.43
CA ALA B 176 -13.87 -1.80 8.16
C ALA B 176 -15.36 -1.49 8.08
N ALA B 177 -15.70 -0.23 8.28
CA ALA B 177 -17.10 0.19 8.25
C ALA B 177 -17.63 0.04 6.83
N ALA B 178 -16.80 0.35 5.84
CA ALA B 178 -17.22 0.27 4.45
C ALA B 178 -17.58 -1.16 4.10
N LEU B 179 -16.73 -2.12 4.46
CA LEU B 179 -17.07 -3.53 4.19
C LEU B 179 -18.35 -3.96 4.88
N GLU B 180 -18.51 -3.61 6.14
CA GLU B 180 -19.65 -4.09 6.92
C GLU B 180 -20.95 -3.49 6.43
N PHE B 181 -20.94 -2.22 6.00
CA PHE B 181 -22.21 -1.60 5.61
C PHE B 181 -22.43 -1.43 4.11
N ALA B 182 -21.48 -1.87 3.28
CA ALA B 182 -21.72 -1.89 1.84
C ALA B 182 -23.04 -2.60 1.47
N PRO B 183 -23.37 -3.73 2.14
CA PRO B 183 -24.62 -4.38 1.73
C PRO B 183 -25.88 -3.59 2.06
N LYS B 184 -25.76 -2.49 2.78
CA LYS B 184 -26.90 -1.71 3.23
C LYS B 184 -27.00 -0.35 2.55
N GLY B 185 -26.30 -0.19 1.43
CA GLY B 185 -26.35 1.05 0.67
C GLY B 185 -25.58 2.23 1.27
N VAL B 186 -24.70 1.94 2.23
CA VAL B 186 -23.87 2.98 2.83
C VAL B 186 -22.44 2.92 2.29
N ARG B 187 -21.90 4.05 1.89
CA ARG B 187 -20.51 4.12 1.43
C ARG B 187 -19.71 4.77 2.54
N VAL B 188 -18.51 4.26 2.80
CA VAL B 188 -17.62 4.93 3.74
C VAL B 188 -16.24 5.12 3.12
N ASN B 189 -15.78 6.37 3.06
CA ASN B 189 -14.51 6.70 2.39
C ASN B 189 -13.72 7.73 3.19
N ALA B 190 -12.43 7.78 2.94
CA ALA B 190 -11.61 8.78 3.59
C ALA B 190 -10.95 9.65 2.54
N ILE B 191 -10.82 10.94 2.82
CA ILE B 191 -9.92 11.78 2.04
C ILE B 191 -8.70 12.03 2.90
N CYS B 192 -7.51 11.95 2.29
CA CYS B 192 -6.27 12.08 3.04
C CYS B 192 -5.46 13.28 2.53
N PRO B 193 -5.72 14.47 3.11
CA PRO B 193 -5.06 15.68 2.62
C PRO B 193 -3.61 15.76 3.03
N GLY B 194 -2.81 16.49 2.25
CA GLY B 194 -1.46 16.82 2.64
C GLY B 194 -1.58 18.09 3.45
N THR B 195 -0.67 19.04 3.20
CA THR B 195 -0.64 20.27 3.97
C THR B 195 -1.54 21.32 3.36
N VAL B 196 -2.64 21.62 4.07
CA VAL B 196 -3.66 22.54 3.57
C VAL B 196 -3.65 23.83 4.41
N ASP B 197 -3.62 24.96 3.72
CA ASP B 197 -3.72 26.27 4.38
C ASP B 197 -5.04 26.40 5.13
N THR B 198 -4.95 26.40 6.46
CA THR B 198 -6.12 26.51 7.34
C THR B 198 -5.76 27.41 8.49
N PRO B 199 -6.76 27.93 9.22
CA PRO B 199 -6.41 28.76 10.38
C PRO B 199 -5.56 28.02 11.40
N SER B 200 -5.81 26.73 11.60
CA SER B 200 -5.02 25.96 12.57
C SER B 200 -3.57 25.81 12.11
N LEU B 201 -3.36 25.57 10.83
CA LEU B 201 -2.01 25.52 10.27
C LEU B 201 -1.26 26.84 10.43
N ARG B 202 -1.96 27.95 10.15
CA ARG B 202 -1.35 29.27 10.24
C ARG B 202 -0.93 29.57 11.68
N GLU B 203 -1.76 29.15 12.63
CA GLU B 203 -1.42 29.32 14.05
C GLU B 203 -0.25 28.43 14.43
N ARG B 204 -0.24 27.20 13.90
CA ARG B 204 0.86 26.28 14.11
C ARG B 204 2.15 26.90 13.58
N ALA B 205 2.12 27.33 12.32
CA ALA B 205 3.26 28.02 11.74
C ALA B 205 3.44 29.39 12.39
N GLU B 209 3.67 33.37 9.27
CA GLU B 209 3.99 33.78 7.90
C GLU B 209 5.44 33.55 7.43
N GLY B 210 6.07 32.41 7.72
CA GLY B 210 5.50 31.28 8.42
C GLY B 210 4.99 30.23 7.46
N LEU B 211 3.89 30.55 6.79
CA LEU B 211 3.37 29.71 5.72
C LEU B 211 4.38 29.63 4.58
N ARG B 212 5.05 30.76 4.35
CA ARG B 212 5.98 30.90 3.23
C ARG B 212 7.09 29.86 3.27
N ALA B 213 7.76 29.75 4.41
CA ALA B 213 8.83 28.78 4.59
C ALA B 213 8.33 27.35 4.42
N PHE B 214 7.06 27.13 4.74
CA PHE B 214 6.46 25.80 4.62
C PHE B 214 5.93 25.52 3.21
N ALA B 215 5.68 26.58 2.45
CA ALA B 215 5.24 26.44 1.08
C ALA B 215 6.42 26.22 0.13
N GLU B 216 7.56 26.85 0.46
CA GLU B 216 8.77 26.70 -0.34
C GLU B 216 9.21 25.23 -0.43
N ARG B 217 9.07 24.50 0.66
CA ARG B 217 9.48 23.10 0.66
C ARG B 217 8.33 22.15 0.30
N GLN B 218 7.41 22.64 -0.53
CA GLN B 218 6.40 21.79 -1.18
C GLN B 218 6.75 21.67 -2.66
N LEU B 219 6.52 20.50 -3.25
CA LEU B 219 6.83 20.27 -4.67
C LEU B 219 6.16 21.32 -5.55
N LEU B 220 4.92 21.64 -5.23
CA LEU B 220 4.15 22.59 -6.02
C LEU B 220 4.44 24.02 -5.57
N LYS B 221 5.32 24.14 -4.58
CA LYS B 221 5.74 25.44 -4.03
C LYS B 221 4.57 26.22 -3.43
N ARG B 222 3.54 25.51 -2.97
CA ARG B 222 2.38 26.14 -2.36
C ARG B 222 1.61 25.16 -1.49
N LEU B 223 0.74 25.67 -0.64
CA LEU B 223 -0.07 24.84 0.24
C LEU B 223 -1.36 24.43 -0.46
N GLY B 224 -1.98 23.35 0.01
CA GLY B 224 -3.28 22.96 -0.50
C GLY B 224 -4.34 23.99 -0.10
N ARG B 225 -5.42 24.04 -0.86
CA ARG B 225 -6.57 24.87 -0.52
C ARG B 225 -7.74 24.02 -0.03
N PRO B 226 -8.47 24.49 1.01
CA PRO B 226 -9.62 23.75 1.53
C PRO B 226 -10.62 23.42 0.43
N GLU B 227 -10.77 24.36 -0.50
CA GLU B 227 -11.67 24.16 -1.63
C GLU B 227 -11.28 22.95 -2.49
N GLU B 228 -9.98 22.66 -2.56
CA GLU B 228 -9.51 21.50 -3.33
C GLU B 228 -9.96 20.19 -2.69
N ILE B 229 -9.98 20.16 -1.36
CA ILE B 229 -10.50 18.99 -0.65
C ILE B 229 -12.02 18.93 -0.77
N ALA B 230 -12.66 20.09 -0.67
CA ALA B 230 -14.11 20.11 -0.64
C ALA B 230 -14.73 19.58 -1.94
N ALA B 231 -14.10 19.88 -3.08
CA ALA B 231 -14.64 19.44 -4.37
C ALA B 231 -14.59 17.92 -4.48
N LEU B 232 -13.58 17.32 -3.88
CA LEU B 232 -13.53 15.87 -3.83
C LEU B 232 -14.61 15.31 -2.90
N ALA B 233 -14.87 15.99 -1.78
CA ALA B 233 -15.92 15.53 -0.87
C ALA B 233 -17.28 15.59 -1.58
N VAL B 234 -17.47 16.59 -2.44
CA VAL B 234 -18.71 16.68 -3.22
C VAL B 234 -18.87 15.45 -4.12
N TYR B 235 -17.79 15.03 -4.78
CA TYR B 235 -17.85 13.82 -5.61
C TYR B 235 -18.28 12.62 -4.75
N LEU B 236 -17.62 12.44 -3.61
CA LEU B 236 -17.91 11.28 -2.76
C LEU B 236 -19.33 11.32 -2.20
N ALA B 237 -19.83 12.52 -1.93
CA ALA B 237 -21.18 12.67 -1.39
C ALA B 237 -22.25 12.42 -2.45
N SER B 238 -21.90 12.68 -3.70
CA SER B 238 -22.83 12.67 -4.82
C SER B 238 -23.21 11.26 -5.29
N ASP B 239 -24.30 11.16 -6.03
CA ASP B 239 -24.71 9.90 -6.63
C ASP B 239 -23.60 9.31 -7.51
N GLU B 240 -22.86 10.18 -8.18
CA GLU B 240 -21.79 9.73 -9.05
C GLU B 240 -20.57 9.21 -8.27
N GLY B 241 -20.54 9.44 -6.96
CA GLY B 241 -19.48 8.92 -6.11
C GLY B 241 -19.82 7.57 -5.49
N ALA B 242 -21.00 7.04 -5.84
CA ALA B 242 -21.53 5.86 -5.14
C ALA B 242 -20.77 4.56 -5.33
N PHE B 243 -19.89 4.47 -6.33
CA PHE B 243 -19.14 3.25 -6.57
C PHE B 243 -17.83 3.24 -5.80
N ALA B 244 -17.53 4.37 -5.16
CA ALA B 244 -16.37 4.41 -4.29
C ALA B 244 -16.81 4.06 -2.88
N THR B 245 -16.19 3.02 -2.32
CA THR B 245 -16.34 2.77 -0.89
C THR B 245 -15.13 2.00 -0.36
N GLY B 246 -14.70 2.36 0.85
CA GLY B 246 -13.50 1.77 1.44
C GLY B 246 -12.23 2.37 0.87
N SER B 247 -12.36 3.47 0.13
CA SER B 247 -11.21 4.12 -0.48
C SER B 247 -10.63 5.21 0.39
N ALA B 248 -9.33 5.41 0.24
CA ALA B 248 -8.64 6.52 0.91
C ALA B 248 -7.99 7.36 -0.18
N PHE B 249 -8.60 8.50 -0.47
CA PHE B 249 -8.14 9.36 -1.57
C PHE B 249 -7.09 10.36 -1.09
N VAL B 250 -5.86 10.20 -1.58
CA VAL B 250 -4.78 11.12 -1.20
C VAL B 250 -4.81 12.40 -2.04
N VAL B 251 -4.77 13.55 -1.36
CA VAL B 251 -4.66 14.84 -2.06
C VAL B 251 -3.61 15.63 -1.32
N ASP B 252 -2.36 15.53 -1.78
CA ASP B 252 -1.24 15.96 -0.95
C ASP B 252 -0.15 16.69 -1.70
N GLY B 253 -0.44 17.14 -2.93
CA GLY B 253 0.56 17.91 -3.68
C GLY B 253 1.81 17.11 -3.97
N GLY B 254 1.66 15.79 -3.95
CA GLY B 254 2.76 14.90 -4.29
C GLY B 254 3.72 14.71 -3.15
N MSE B 255 3.37 15.18 -1.95
CA MSE B 255 4.34 15.17 -0.85
C MSE B 255 4.71 13.75 -0.41
O MSE B 255 5.77 13.56 0.17
CB MSE B 255 3.84 15.99 0.36
CG MSE B 255 2.69 15.38 1.17
SE MSE B 255 2.51 16.09 3.03
CE MSE B 255 3.70 14.77 3.86
N SER B 256 3.86 12.77 -0.69
CA SER B 256 4.19 11.42 -0.23
C SER B 256 4.87 10.58 -1.32
N LEU B 257 5.19 11.21 -2.44
CA LEU B 257 5.90 10.52 -3.52
C LEU B 257 7.34 10.28 -3.13
N MSE C 24 -19.23 24.36 -16.35
CA MSE C 24 -18.80 25.30 -15.32
C MSE C 24 -17.44 24.92 -14.74
O MSE C 24 -16.65 25.80 -14.40
CB MSE C 24 -19.85 25.39 -14.21
CG MSE C 24 -19.34 25.94 -12.90
SE MSE C 24 -20.66 27.01 -11.91
CE MSE C 24 -20.72 28.58 -13.05
N LYS C 25 -17.12 23.63 -14.67
CA LYS C 25 -15.91 23.20 -13.97
C LYS C 25 -14.67 23.06 -14.87
N LEU C 26 -14.85 22.96 -16.19
CA LEU C 26 -13.72 22.84 -17.09
C LEU C 26 -13.67 23.97 -18.13
N LYS C 27 -14.23 25.12 -17.78
CA LYS C 27 -14.31 26.24 -18.70
C LYS C 27 -12.94 26.67 -19.22
N GLY C 28 -12.81 26.78 -20.53
CA GLY C 28 -11.55 27.20 -21.14
C GLY C 28 -10.44 26.17 -21.06
N LYS C 29 -10.77 24.90 -20.80
CA LYS C 29 -9.77 23.84 -20.85
C LYS C 29 -9.82 23.10 -22.19
N LYS C 30 -8.64 22.76 -22.70
CA LYS C 30 -8.51 21.92 -23.89
C LYS C 30 -8.07 20.52 -23.48
N ALA C 31 -8.86 19.52 -23.84
CA ALA C 31 -8.66 18.16 -23.40
C ALA C 31 -8.56 17.17 -24.56
N LEU C 32 -7.64 16.22 -24.44
CA LEU C 32 -7.54 15.13 -25.38
C LEU C 32 -7.84 13.83 -24.62
N VAL C 33 -8.82 13.08 -25.09
CA VAL C 33 -9.11 11.77 -24.51
C VAL C 33 -8.72 10.66 -25.49
N ILE C 34 -7.74 9.85 -25.12
CA ILE C 34 -7.36 8.70 -25.95
C ILE C 34 -8.23 7.47 -25.65
N ALA C 35 -8.76 6.85 -26.71
CA ALA C 35 -9.79 5.80 -26.66
C ALA C 35 -11.11 6.34 -26.12
N ALA C 36 -11.59 7.40 -26.77
CA ALA C 36 -12.77 8.12 -26.34
C ALA C 36 -14.03 7.59 -27.01
N GLY C 37 -13.88 6.51 -27.78
CA GLY C 37 -14.94 6.02 -28.64
C GLY C 37 -16.04 5.24 -27.94
N GLN C 38 -15.72 4.66 -26.79
CA GLN C 38 -16.69 3.88 -26.04
C GLN C 38 -16.29 3.75 -24.57
N GLY C 39 -17.21 3.24 -23.77
CA GLY C 39 -16.94 2.92 -22.37
C GLY C 39 -16.50 4.11 -21.54
N ILE C 40 -15.50 3.89 -20.69
CA ILE C 40 -15.03 4.94 -19.79
C ILE C 40 -14.49 6.15 -20.55
N GLY C 41 -13.76 5.90 -21.63
CA GLY C 41 -13.23 7.00 -22.43
C GLY C 41 -14.31 7.93 -22.96
N ARG C 42 -15.38 7.34 -23.47
CA ARG C 42 -16.49 8.11 -24.01
C ARG C 42 -17.21 8.90 -22.91
N ALA C 43 -17.42 8.27 -21.77
CA ALA C 43 -18.08 8.96 -20.66
C ALA C 43 -17.26 10.16 -20.20
N ILE C 44 -15.94 9.99 -20.15
CA ILE C 44 -15.07 11.10 -19.77
C ILE C 44 -15.14 12.26 -20.80
N ALA C 45 -15.09 11.94 -22.10
CA ALA C 45 -15.17 12.99 -23.12
C ALA C 45 -16.51 13.73 -23.03
N GLU C 46 -17.60 12.99 -22.92
CA GLU C 46 -18.94 13.59 -22.80
C GLU C 46 -19.06 14.47 -21.54
N ALA C 47 -18.53 13.99 -20.42
CA ALA C 47 -18.58 14.72 -19.16
C ALA C 47 -17.74 15.98 -19.23
N PHE C 48 -16.56 15.87 -19.86
CA PHE C 48 -15.65 17.01 -19.99
C PHE C 48 -16.37 18.10 -20.78
N GLN C 49 -17.03 17.71 -21.86
CA GLN C 49 -17.68 18.67 -22.76
C GLN C 49 -18.86 19.33 -22.06
N ARG C 50 -19.57 18.54 -21.25
CA ARG C 50 -20.68 19.05 -20.48
C ARG C 50 -20.21 20.11 -19.48
N GLU C 51 -18.98 19.95 -18.98
CA GLU C 51 -18.43 20.86 -17.99
C GLU C 51 -17.64 22.03 -18.60
N GLY C 52 -17.80 22.24 -19.91
CA GLY C 52 -17.23 23.41 -20.55
C GLY C 52 -15.92 23.26 -21.30
N ALA C 53 -15.29 22.09 -21.22
CA ALA C 53 -14.01 21.88 -21.91
C ALA C 53 -14.17 21.78 -23.42
N GLU C 54 -13.14 22.20 -24.16
CA GLU C 54 -13.02 21.83 -25.55
C GLU C 54 -12.37 20.46 -25.61
N VAL C 55 -13.06 19.48 -26.18
CA VAL C 55 -12.57 18.12 -26.12
C VAL C 55 -12.31 17.54 -27.50
N LEU C 56 -11.24 16.76 -27.61
CA LEU C 56 -10.98 15.96 -28.80
C LEU C 56 -10.88 14.50 -28.39
N GLY C 57 -11.79 13.70 -28.93
CA GLY C 57 -11.79 12.27 -28.63
C GLY C 57 -11.06 11.48 -29.69
N ALA C 58 -9.90 10.94 -29.31
CA ALA C 58 -9.10 10.13 -30.22
C ALA C 58 -9.53 8.69 -30.06
N THR C 59 -9.71 7.99 -31.17
CA THR C 59 -10.23 6.64 -31.11
C THR C 59 -9.98 5.87 -32.41
N LEU C 60 -9.92 4.54 -32.31
CA LEU C 60 -9.90 3.71 -33.52
C LEU C 60 -11.18 3.88 -34.31
N HIS C 61 -12.25 4.30 -33.63
CA HIS C 61 -13.58 4.29 -34.22
C HIS C 61 -14.30 5.64 -34.14
N PRO C 62 -13.77 6.66 -34.84
CA PRO C 62 -14.30 8.01 -34.74
C PRO C 62 -15.77 8.10 -35.16
N GLU C 63 -16.24 7.14 -35.94
CA GLU C 63 -17.64 7.13 -36.37
C GLU C 63 -18.60 7.08 -35.18
N LYS C 64 -18.15 6.55 -34.05
CA LYS C 64 -19.02 6.42 -32.88
C LYS C 64 -19.27 7.74 -32.16
N LEU C 65 -18.47 8.75 -32.46
CA LEU C 65 -18.55 10.02 -31.76
C LEU C 65 -19.13 11.17 -32.59
N GLN C 66 -19.42 10.93 -33.86
CA GLN C 66 -19.90 12.02 -34.71
C GLN C 66 -21.21 12.56 -34.15
N GLY C 67 -21.29 13.89 -34.06
CA GLY C 67 -22.43 14.54 -33.42
C GLY C 67 -22.49 14.34 -31.92
N VAL C 68 -21.37 13.94 -31.31
CA VAL C 68 -21.30 13.79 -29.86
C VAL C 68 -20.14 14.60 -29.29
N VAL C 69 -18.93 14.27 -29.72
CA VAL C 69 -17.74 15.04 -29.41
C VAL C 69 -16.87 15.10 -30.66
N PRO C 70 -16.07 16.17 -30.81
CA PRO C 70 -15.11 16.22 -31.91
C PRO C 70 -14.17 15.01 -31.84
N ALA C 71 -13.89 14.39 -32.99
CA ALA C 71 -13.21 13.10 -32.99
C ALA C 71 -12.02 13.06 -33.94
N VAL C 72 -11.05 12.21 -33.65
CA VAL C 72 -9.93 12.03 -34.56
C VAL C 72 -9.53 10.56 -34.52
N ARG C 73 -9.18 10.01 -35.68
CA ARG C 73 -8.77 8.61 -35.74
C ARG C 73 -7.36 8.50 -35.19
N LEU C 74 -7.18 7.59 -34.24
CA LEU C 74 -5.88 7.36 -33.62
C LEU C 74 -5.74 5.92 -33.15
N ASP C 75 -4.67 5.28 -33.57
CA ASP C 75 -4.33 3.96 -33.06
C ASP C 75 -3.22 4.14 -32.05
N ALA C 76 -3.55 4.04 -30.77
CA ALA C 76 -2.62 4.33 -29.68
C ALA C 76 -1.41 3.39 -29.69
N ARG C 77 -1.49 2.32 -30.47
CA ARG C 77 -0.37 1.40 -30.61
C ARG C 77 0.69 1.94 -31.56
N ASP C 78 0.34 3.01 -32.28
CA ASP C 78 1.22 3.62 -33.27
C ASP C 78 1.94 4.81 -32.64
N LYS C 79 3.22 4.62 -32.29
CA LYS C 79 3.98 5.64 -31.58
C LYS C 79 4.02 6.97 -32.34
N GLU C 80 4.30 6.88 -33.64
CA GLU C 80 4.44 8.07 -34.46
C GLU C 80 3.15 8.87 -34.50
N ALA C 81 2.03 8.17 -34.65
CA ALA C 81 0.72 8.81 -34.70
C ALA C 81 0.38 9.49 -33.37
N VAL C 82 0.81 8.86 -32.27
CA VAL C 82 0.52 9.42 -30.96
C VAL C 82 1.30 10.72 -30.77
N PHE C 83 2.59 10.70 -31.06
CA PHE C 83 3.40 11.91 -30.97
C PHE C 83 2.91 13.00 -31.91
N ARG C 84 2.54 12.63 -33.13
CA ARG C 84 2.13 13.62 -34.13
C ARG C 84 0.85 14.35 -33.73
N LEU C 85 -0.10 13.62 -33.18
CA LEU C 85 -1.35 14.26 -32.77
C LEU C 85 -1.08 15.20 -31.59
N ILE C 86 -0.37 14.71 -30.59
CA ILE C 86 -0.18 15.48 -29.37
C ILE C 86 0.68 16.71 -29.66
N GLN C 87 1.76 16.53 -30.40
CA GLN C 87 2.65 17.65 -30.70
C GLN C 87 1.99 18.64 -31.65
N GLY C 88 1.00 18.18 -32.41
CA GLY C 88 0.28 19.04 -33.34
C GLY C 88 -0.82 19.90 -32.73
N LEU C 89 -1.12 19.69 -31.45
CA LEU C 89 -2.13 20.51 -30.77
C LEU C 89 -1.54 21.84 -30.30
N ASP C 90 -2.32 22.91 -30.41
CA ASP C 90 -1.86 24.25 -30.02
C ASP C 90 -1.57 24.32 -28.52
N ARG C 91 -2.56 23.91 -27.74
CA ARG C 91 -2.47 23.89 -26.29
C ARG C 91 -3.21 22.67 -25.80
N LEU C 92 -2.66 22.02 -24.78
CA LEU C 92 -3.29 20.86 -24.16
C LEU C 92 -3.30 21.04 -22.66
N ASP C 93 -4.48 21.21 -22.09
CA ASP C 93 -4.63 21.35 -20.64
C ASP C 93 -4.85 20.02 -19.94
N VAL C 94 -5.54 19.10 -20.60
CA VAL C 94 -5.88 17.83 -19.98
C VAL C 94 -5.61 16.70 -20.96
N LEU C 95 -4.91 15.66 -20.51
CA LEU C 95 -4.74 14.44 -21.30
C LEU C 95 -5.34 13.26 -20.54
N VAL C 96 -6.20 12.48 -21.18
CA VAL C 96 -6.73 11.28 -20.56
C VAL C 96 -6.34 10.04 -21.35
N ASN C 97 -5.66 9.11 -20.70
CA ASN C 97 -5.32 7.85 -21.32
C ASN C 97 -6.31 6.77 -20.91
N ALA C 98 -7.35 6.57 -21.72
CA ALA C 98 -8.36 5.58 -21.39
C ALA C 98 -8.25 4.31 -22.24
N GLN C 99 -7.12 4.18 -22.95
CA GLN C 99 -6.91 3.03 -23.80
C GLN C 99 -6.61 1.83 -22.93
N GLY C 100 -6.96 0.64 -23.42
CA GLY C 100 -6.64 -0.56 -22.65
C GLY C 100 -7.30 -1.80 -23.20
N VAL C 101 -6.72 -2.95 -22.87
CA VAL C 101 -7.30 -4.23 -23.23
C VAL C 101 -7.23 -5.11 -21.99
N VAL C 102 -8.18 -6.04 -21.85
CA VAL C 102 -8.21 -6.92 -20.68
C VAL C 102 -8.09 -8.37 -21.09
N PRO C 103 -6.84 -8.88 -21.22
CA PRO C 103 -6.71 -10.32 -21.46
C PRO C 103 -7.12 -11.08 -20.21
N VAL C 104 -7.59 -12.31 -20.37
CA VAL C 104 -7.96 -13.11 -19.22
C VAL C 104 -7.14 -14.39 -19.17
N GLY C 105 -6.95 -14.92 -17.98
CA GLY C 105 -6.23 -16.16 -17.82
C GLY C 105 -5.30 -16.13 -16.64
N GLY C 106 -5.05 -17.31 -16.08
CA GLY C 106 -4.07 -17.45 -15.03
C GLY C 106 -2.68 -17.60 -15.65
N LEU C 107 -1.69 -17.89 -14.82
CA LEU C 107 -0.31 -17.91 -15.26
C LEU C 107 -0.09 -18.81 -16.48
N LEU C 108 -0.67 -20.00 -16.45
CA LEU C 108 -0.40 -21.01 -17.47
C LEU C 108 -1.28 -20.82 -18.70
N GLU C 109 -2.38 -20.10 -18.56
CA GLU C 109 -3.27 -19.80 -19.69
C GLU C 109 -2.76 -18.61 -20.49
N ALA C 110 -2.10 -17.69 -19.80
CA ALA C 110 -1.55 -16.48 -20.42
C ALA C 110 -0.46 -16.78 -21.45
N THR C 111 -0.46 -16.02 -22.54
CA THR C 111 0.49 -16.23 -23.61
C THR C 111 1.40 -15.03 -23.84
N ASP C 112 2.47 -15.23 -24.59
CA ASP C 112 3.35 -14.14 -25.02
C ASP C 112 2.59 -13.12 -25.86
N GLN C 113 1.60 -13.60 -26.59
CA GLN C 113 0.76 -12.74 -27.39
C GLN C 113 -0.02 -11.80 -26.49
N ASP C 114 -0.63 -12.37 -25.45
CA ASP C 114 -1.33 -11.59 -24.42
C ASP C 114 -0.39 -10.57 -23.82
N TRP C 115 0.81 -11.02 -23.46
CA TRP C 115 1.80 -10.17 -22.81
C TRP C 115 2.14 -8.96 -23.68
N GLU C 116 2.59 -9.25 -24.89
CA GLU C 116 3.02 -8.18 -25.80
C GLU C 116 1.88 -7.22 -26.12
N GLU C 117 0.68 -7.73 -26.38
CA GLU C 117 -0.43 -6.86 -26.76
C GLU C 117 -0.87 -5.95 -25.62
N ALA C 118 -0.97 -6.52 -24.41
CA ALA C 118 -1.42 -5.78 -23.24
C ALA C 118 -0.37 -4.78 -22.76
N PHE C 119 0.89 -5.17 -22.74
CA PHE C 119 1.90 -4.21 -22.32
C PHE C 119 2.04 -3.06 -23.33
N LEU C 120 1.86 -3.36 -24.62
CA LEU C 120 1.89 -2.33 -25.65
C LEU C 120 0.79 -1.31 -25.41
N LEU C 121 -0.46 -1.75 -25.40
CA LEU C 121 -1.57 -0.81 -25.29
C LEU C 121 -1.77 -0.22 -23.88
N ASN C 122 -1.64 -1.05 -22.85
CA ASN C 122 -2.01 -0.59 -21.51
C ASN C 122 -0.96 0.30 -20.86
N ALA C 123 0.29 0.16 -21.32
CA ALA C 123 1.42 0.80 -20.63
C ALA C 123 2.34 1.55 -21.60
N LYS C 124 2.83 0.88 -22.65
CA LYS C 124 3.79 1.55 -23.52
C LYS C 124 3.15 2.73 -24.26
N SER C 125 1.89 2.58 -24.67
CA SER C 125 1.23 3.68 -25.37
C SER C 125 1.06 4.89 -24.45
N VAL C 126 0.92 4.65 -23.15
CA VAL C 126 0.82 5.74 -22.18
C VAL C 126 2.17 6.40 -21.96
N PHE C 127 3.22 5.57 -21.93
CA PHE C 127 4.61 6.05 -21.94
C PHE C 127 4.81 7.06 -23.06
N TRP C 128 4.42 6.67 -24.28
CA TRP C 128 4.56 7.53 -25.45
C TRP C 128 3.76 8.82 -25.27
N ALA C 129 2.49 8.69 -24.89
CA ALA C 129 1.61 9.85 -24.78
C ALA C 129 2.13 10.86 -23.76
N MSE C 130 2.66 10.36 -22.64
CA MSE C 130 3.20 11.25 -21.61
C MSE C 130 4.55 11.86 -22.05
O MSE C 130 4.84 13.01 -21.73
CB MSE C 130 3.35 10.52 -20.28
CG MSE C 130 2.03 10.14 -19.63
SE MSE C 130 2.31 9.60 -17.78
CE MSE C 130 3.52 8.10 -18.10
N GLN C 131 5.36 11.09 -22.77
CA GLN C 131 6.58 11.65 -23.32
C GLN C 131 6.27 12.85 -24.23
N ALA C 132 5.20 12.73 -25.00
CA ALA C 132 4.79 13.77 -25.93
C ALA C 132 4.14 14.95 -25.22
N ALA C 133 3.31 14.65 -24.23
CA ALA C 133 2.46 15.67 -23.63
C ALA C 133 3.11 16.47 -22.50
N LEU C 134 3.84 15.80 -21.63
CA LEU C 134 4.30 16.44 -20.39
C LEU C 134 5.29 17.62 -20.59
N PRO C 135 6.29 17.48 -21.50
CA PRO C 135 7.15 18.67 -21.71
C PRO C 135 6.36 19.85 -22.26
N LYS C 136 5.38 19.56 -23.10
CA LYS C 136 4.49 20.57 -23.66
C LYS C 136 3.73 21.28 -22.54
N MSE C 137 3.05 20.50 -21.70
CA MSE C 137 2.30 21.06 -20.58
C MSE C 137 3.20 21.80 -19.60
O MSE C 137 2.82 22.86 -19.11
CB MSE C 137 1.56 19.94 -19.83
CG MSE C 137 0.50 19.26 -20.65
SE MSE C 137 -0.24 17.78 -19.59
CE MSE C 137 -1.74 17.40 -20.76
N ALA C 138 4.38 21.25 -19.34
CA ALA C 138 5.34 21.91 -18.46
C ALA C 138 5.70 23.30 -18.97
N ALA C 139 5.79 23.47 -20.29
CA ALA C 139 6.20 24.76 -20.84
C ALA C 139 5.10 25.80 -20.75
N GLN C 140 3.85 25.35 -20.66
CA GLN C 140 2.74 26.30 -20.59
C GLN C 140 2.38 26.60 -19.14
N GLY C 141 3.06 25.92 -18.23
CA GLY C 141 2.93 26.24 -16.82
C GLY C 141 1.98 25.37 -16.03
N GLY C 142 1.44 24.32 -16.66
CA GLY C 142 0.61 23.41 -15.91
C GLY C 142 -0.22 22.52 -16.80
N GLY C 143 -0.95 21.61 -16.17
CA GLY C 143 -1.79 20.71 -16.94
C GLY C 143 -2.15 19.54 -16.06
N SER C 144 -2.94 18.62 -16.62
CA SER C 144 -3.39 17.47 -15.86
C SER C 144 -3.41 16.24 -16.76
N VAL C 145 -2.73 15.19 -16.32
CA VAL C 145 -2.77 13.92 -17.01
C VAL C 145 -3.51 12.91 -16.13
N ILE C 146 -4.47 12.21 -16.72
CA ILE C 146 -5.30 11.26 -16.00
C ILE C 146 -5.20 9.91 -16.67
N ASN C 147 -4.61 8.94 -15.98
CA ASN C 147 -4.45 7.60 -16.54
C ASN C 147 -5.52 6.67 -15.97
N ILE C 148 -6.22 5.97 -16.84
CA ILE C 148 -7.19 5.01 -16.36
C ILE C 148 -6.51 3.66 -16.19
N ALA C 149 -6.20 3.33 -14.94
CA ALA C 149 -5.53 2.10 -14.61
C ALA C 149 -6.58 1.06 -14.26
N SER C 150 -6.50 0.50 -13.07
CA SER C 150 -7.46 -0.49 -12.60
C SER C 150 -7.11 -0.86 -11.18
N VAL C 151 -8.12 -1.26 -10.41
CA VAL C 151 -7.86 -1.73 -9.06
C VAL C 151 -7.00 -3.01 -9.11
N ALA C 152 -6.96 -3.66 -10.28
CA ALA C 152 -6.09 -4.82 -10.50
C ALA C 152 -4.61 -4.51 -10.22
N ALA C 153 -4.26 -3.22 -10.24
CA ALA C 153 -2.91 -2.80 -9.90
C ALA C 153 -2.57 -3.08 -8.43
N PHE C 154 -3.60 -3.20 -7.60
CA PHE C 154 -3.42 -3.37 -6.16
C PHE C 154 -3.98 -4.68 -5.64
N LYS C 155 -5.07 -5.12 -6.25
CA LYS C 155 -5.85 -6.25 -5.76
C LYS C 155 -5.75 -7.45 -6.71
N THR C 156 -5.24 -8.56 -6.20
CA THR C 156 -5.08 -9.79 -6.97
C THR C 156 -6.40 -10.55 -7.10
N VAL C 157 -6.81 -10.85 -8.31
CA VAL C 157 -8.00 -11.67 -8.51
C VAL C 157 -7.68 -12.77 -9.50
N PRO C 158 -8.40 -13.90 -9.40
CA PRO C 158 -8.16 -15.00 -10.33
C PRO C 158 -8.28 -14.56 -11.79
N GLY C 159 -7.47 -15.16 -12.64
CA GLY C 159 -7.62 -14.96 -14.07
C GLY C 159 -7.20 -13.63 -14.63
N ARG C 160 -6.35 -12.89 -13.94
CA ARG C 160 -5.92 -11.58 -14.42
C ARG C 160 -4.41 -11.40 -14.35
N PHE C 161 -3.66 -12.46 -14.65
CA PHE C 161 -2.21 -12.41 -14.49
C PHE C 161 -1.58 -11.28 -15.31
N ILE C 162 -1.80 -11.28 -16.62
CA ILE C 162 -1.18 -10.26 -17.47
C ILE C 162 -1.75 -8.86 -17.19
N TYR C 163 -3.07 -8.78 -17.09
CA TYR C 163 -3.73 -7.49 -16.85
C TYR C 163 -3.20 -6.76 -15.63
N SER C 164 -3.12 -7.46 -14.50
CA SER C 164 -2.69 -6.80 -13.27
C SER C 164 -1.24 -6.32 -13.39
N ALA C 165 -0.41 -7.08 -14.12
CA ALA C 165 0.99 -6.69 -14.27
C ALA C 165 1.08 -5.38 -15.02
N THR C 166 0.29 -5.24 -16.09
CA THR C 166 0.36 -4.04 -16.91
C THR C 166 -0.20 -2.84 -16.14
N LYS C 167 -1.22 -3.06 -15.31
CA LYS C 167 -1.80 -1.93 -14.59
C LYS C 167 -0.93 -1.49 -13.40
N ALA C 168 -0.22 -2.42 -12.76
CA ALA C 168 0.73 -2.05 -11.71
C ALA C 168 1.88 -1.21 -12.29
N ALA C 169 2.32 -1.60 -13.49
CA ALA C 169 3.34 -0.84 -14.21
C ALA C 169 2.83 0.56 -14.47
N LEU C 170 1.59 0.67 -14.94
CA LEU C 170 1.01 1.98 -15.23
C LEU C 170 0.89 2.89 -14.00
N VAL C 171 0.50 2.35 -12.86
CA VAL C 171 0.45 3.17 -11.65
C VAL C 171 1.86 3.66 -11.27
N ALA C 172 2.87 2.80 -11.38
CA ALA C 172 4.22 3.26 -11.04
C ALA C 172 4.70 4.36 -12.00
N MSE C 173 4.38 4.22 -13.28
CA MSE C 173 4.72 5.24 -14.27
C MSE C 173 4.01 6.56 -13.96
O MSE C 173 4.58 7.63 -14.14
CB MSE C 173 4.32 4.77 -15.66
CG MSE C 173 5.03 3.53 -16.09
SE MSE C 173 4.12 2.68 -17.61
CE MSE C 173 3.95 4.21 -18.79
N THR C 174 2.75 6.44 -13.53
CA THR C 174 1.96 7.62 -13.15
C THR C 174 2.67 8.38 -12.03
N LYS C 175 3.12 7.65 -11.02
CA LYS C 175 3.75 8.33 -9.88
C LYS C 175 5.14 8.89 -10.24
N ALA C 176 5.88 8.15 -11.07
CA ALA C 176 7.21 8.59 -11.50
C ALA C 176 7.10 9.89 -12.29
N ALA C 177 6.19 9.93 -13.25
CA ALA C 177 5.96 11.16 -14.01
C ALA C 177 5.47 12.30 -13.10
N ALA C 178 4.59 11.98 -12.16
CA ALA C 178 4.05 12.96 -11.23
C ALA C 178 5.17 13.66 -10.46
N LEU C 179 6.10 12.87 -9.95
CA LEU C 179 7.21 13.41 -9.19
C LEU C 179 8.08 14.30 -10.07
N GLU C 180 8.37 13.82 -11.28
CA GLU C 180 9.28 14.55 -12.16
C GLU C 180 8.70 15.89 -12.58
N PHE C 181 7.38 15.97 -12.77
CA PHE C 181 6.82 17.19 -13.34
C PHE C 181 6.02 18.04 -12.39
N ALA C 182 5.92 17.62 -11.12
CA ALA C 182 5.27 18.42 -10.09
C ALA C 182 5.84 19.85 -10.01
N PRO C 183 7.17 20.02 -10.07
CA PRO C 183 7.66 21.41 -9.97
C PRO C 183 7.21 22.31 -11.12
N LYS C 184 6.73 21.70 -12.19
CA LYS C 184 6.25 22.43 -13.37
C LYS C 184 4.76 22.69 -13.32
N GLY C 185 4.11 22.28 -12.24
CA GLY C 185 2.68 22.49 -12.09
C GLY C 185 1.82 21.53 -12.91
N VAL C 186 2.43 20.48 -13.44
CA VAL C 186 1.69 19.47 -14.17
C VAL C 186 1.37 18.29 -13.26
N ARG C 187 0.09 17.96 -13.11
CA ARG C 187 -0.27 16.82 -12.26
C ARG C 187 -0.49 15.55 -13.10
N VAL C 188 -0.14 14.42 -12.51
CA VAL C 188 -0.32 13.12 -13.14
C VAL C 188 -0.96 12.21 -12.10
N ASN C 189 -2.12 11.66 -12.40
CA ASN C 189 -2.86 10.83 -11.45
C ASN C 189 -3.45 9.64 -12.18
N ALA C 190 -3.77 8.61 -11.42
CA ALA C 190 -4.44 7.44 -11.98
C ALA C 190 -5.78 7.26 -11.31
N ILE C 191 -6.78 6.87 -12.09
CA ILE C 191 -8.01 6.40 -11.52
C ILE C 191 -7.98 4.89 -11.69
N CYS C 192 -8.32 4.16 -10.63
CA CYS C 192 -8.25 2.71 -10.63
C CYS C 192 -9.65 2.10 -10.44
N PRO C 193 -10.36 1.92 -11.55
CA PRO C 193 -11.73 1.39 -11.44
C PRO C 193 -11.75 -0.09 -11.12
N GLY C 194 -12.86 -0.51 -10.53
CA GLY C 194 -13.18 -1.91 -10.40
C GLY C 194 -13.89 -2.38 -11.65
N THR C 195 -14.92 -3.19 -11.49
CA THR C 195 -15.64 -3.72 -12.65
C THR C 195 -16.72 -2.73 -13.10
N VAL C 196 -16.52 -2.18 -14.30
CA VAL C 196 -17.40 -1.15 -14.83
C VAL C 196 -18.17 -1.68 -16.06
N ASP C 197 -19.45 -1.34 -16.14
CA ASP C 197 -20.31 -1.78 -17.22
C ASP C 197 -19.94 -1.03 -18.49
N THR C 198 -19.29 -1.74 -19.41
CA THR C 198 -18.83 -1.17 -20.68
C THR C 198 -19.10 -2.16 -21.77
N PRO C 199 -19.12 -1.69 -23.05
CA PRO C 199 -19.32 -2.62 -24.16
C PRO C 199 -18.30 -3.76 -24.16
N SER C 200 -17.06 -3.48 -23.79
CA SER C 200 -16.03 -4.53 -23.79
C SER C 200 -16.21 -5.52 -22.62
N LEU C 201 -16.81 -5.09 -21.53
CA LEU C 201 -17.15 -6.03 -20.46
C LEU C 201 -18.25 -6.97 -20.94
N ARG C 202 -19.26 -6.41 -21.59
CA ARG C 202 -20.35 -7.23 -22.10
C ARG C 202 -19.89 -8.15 -23.24
N GLU C 203 -18.87 -7.73 -24.00
CA GLU C 203 -18.30 -8.57 -25.06
C GLU C 203 -17.67 -9.85 -24.49
N ARG C 204 -17.25 -9.80 -23.22
CA ARG C 204 -16.56 -10.93 -22.62
C ARG C 204 -17.42 -11.60 -21.53
N ALA C 205 -18.62 -11.07 -21.33
CA ALA C 205 -19.57 -11.66 -20.38
C ALA C 205 -20.75 -12.30 -21.10
N GLY C 206 -21.39 -11.55 -22.00
CA GLY C 206 -22.51 -12.06 -22.75
C GLY C 206 -23.37 -11.00 -23.41
N GLY C 207 -23.79 -10.01 -22.63
CA GLY C 207 -24.66 -8.97 -23.14
C GLY C 207 -25.62 -8.46 -22.09
N GLU C 208 -26.20 -9.39 -21.32
CA GLU C 208 -27.05 -9.02 -20.20
C GLU C 208 -27.21 -10.15 -19.19
N GLU C 209 -27.43 -11.38 -19.66
CA GLU C 209 -27.91 -12.43 -18.76
C GLU C 209 -26.90 -12.85 -17.68
N GLY C 210 -25.61 -12.64 -17.92
CA GLY C 210 -24.64 -12.93 -16.88
C GLY C 210 -23.18 -12.76 -17.21
N LEU C 211 -22.60 -11.56 -17.22
CA LEU C 211 -23.22 -10.21 -17.07
C LEU C 211 -24.06 -9.95 -15.80
N ARG C 212 -25.37 -10.21 -15.85
CA ARG C 212 -26.24 -10.06 -14.67
C ARG C 212 -25.79 -10.94 -13.50
N ALA C 213 -25.28 -12.12 -13.82
CA ALA C 213 -24.84 -13.06 -12.80
C ALA C 213 -23.67 -12.48 -12.01
N PHE C 214 -22.70 -11.94 -12.73
CA PHE C 214 -21.55 -11.32 -12.09
C PHE C 214 -21.95 -10.10 -11.26
N ALA C 215 -22.83 -9.26 -11.81
CA ALA C 215 -23.32 -8.09 -11.08
C ALA C 215 -23.97 -8.48 -9.74
N GLU C 216 -24.88 -9.45 -9.77
CA GLU C 216 -25.58 -9.93 -8.57
C GLU C 216 -24.64 -10.34 -7.46
N ARG C 217 -23.55 -10.99 -7.85
CA ARG C 217 -22.58 -11.45 -6.89
C ARG C 217 -21.72 -10.31 -6.32
N GLN C 218 -21.63 -9.17 -7.00
CA GLN C 218 -20.83 -8.11 -6.40
C GLN C 218 -21.36 -7.54 -5.10
N LEU C 219 -20.43 -7.03 -4.28
CA LEU C 219 -20.79 -6.44 -3.00
C LEU C 219 -21.98 -5.45 -3.14
N LEU C 220 -21.91 -4.58 -4.14
CA LEU C 220 -22.99 -3.60 -4.33
C LEU C 220 -24.14 -4.12 -5.19
N LYS C 221 -23.99 -5.35 -5.67
CA LYS C 221 -25.00 -5.99 -6.52
C LYS C 221 -25.21 -5.25 -7.84
N ARG C 222 -24.21 -4.46 -8.22
CA ARG C 222 -24.23 -3.78 -9.51
C ARG C 222 -22.80 -3.56 -9.97
N LEU C 223 -22.62 -3.32 -11.26
CA LEU C 223 -21.34 -2.91 -11.78
C LEU C 223 -21.22 -1.39 -11.68
N GLY C 224 -20.01 -0.86 -11.80
CA GLY C 224 -19.82 0.57 -11.84
C GLY C 224 -20.33 1.14 -13.16
N ARG C 225 -20.72 2.42 -13.16
CA ARG C 225 -21.12 3.13 -14.38
C ARG C 225 -19.96 3.98 -14.87
N PRO C 226 -19.75 4.02 -16.19
CA PRO C 226 -18.71 4.91 -16.74
C PRO C 226 -18.82 6.34 -16.20
N GLU C 227 -20.04 6.84 -16.04
CA GLU C 227 -20.23 8.19 -15.50
C GLU C 227 -19.65 8.38 -14.08
N GLU C 228 -19.57 7.29 -13.31
CA GLU C 228 -18.99 7.39 -11.97
C GLU C 228 -17.50 7.58 -12.05
N ILE C 229 -16.86 6.97 -13.04
CA ILE C 229 -15.45 7.23 -13.24
C ILE C 229 -15.27 8.64 -13.83
N ALA C 230 -16.12 9.01 -14.79
CA ALA C 230 -16.01 10.30 -15.48
C ALA C 230 -16.09 11.52 -14.54
N ALA C 231 -16.98 11.49 -13.55
CA ALA C 231 -17.10 12.60 -12.59
C ALA C 231 -15.82 12.81 -11.79
N LEU C 232 -15.13 11.72 -11.47
CA LEU C 232 -13.85 11.83 -10.76
C LEU C 232 -12.79 12.44 -11.68
N ALA C 233 -12.79 12.02 -12.95
CA ALA C 233 -11.93 12.60 -13.97
C ALA C 233 -12.14 14.10 -14.08
N VAL C 234 -13.39 14.53 -13.98
CA VAL C 234 -13.69 15.97 -14.02
C VAL C 234 -13.01 16.69 -12.86
N TYR C 235 -13.12 16.13 -11.65
CA TYR C 235 -12.41 16.71 -10.52
C TYR C 235 -10.91 16.86 -10.79
N LEU C 236 -10.29 15.80 -11.27
CA LEU C 236 -8.84 15.78 -11.46
C LEU C 236 -8.40 16.75 -12.56
N ALA C 237 -9.25 16.93 -13.55
CA ALA C 237 -8.94 17.83 -14.66
C ALA C 237 -9.13 19.30 -14.27
N SER C 238 -10.00 19.53 -13.28
CA SER C 238 -10.42 20.87 -12.91
C SER C 238 -9.35 21.58 -12.09
N ASP C 239 -9.49 22.91 -11.96
CA ASP C 239 -8.57 23.67 -11.14
C ASP C 239 -8.65 23.23 -9.67
N GLU C 240 -9.82 22.75 -9.23
CA GLU C 240 -9.95 22.25 -7.87
C GLU C 240 -9.20 20.94 -7.63
N GLY C 241 -8.82 20.26 -8.71
CA GLY C 241 -8.00 19.06 -8.62
C GLY C 241 -6.50 19.34 -8.61
N ALA C 242 -6.09 20.60 -8.54
CA ALA C 242 -4.69 20.94 -8.77
C ALA C 242 -3.73 20.51 -7.65
N PHE C 243 -4.26 20.11 -6.49
CA PHE C 243 -3.40 19.66 -5.39
C PHE C 243 -3.25 18.14 -5.35
N ALA C 244 -3.97 17.44 -6.21
CA ALA C 244 -3.77 16.00 -6.33
C ALA C 244 -2.71 15.74 -7.39
N THR C 245 -1.65 15.03 -7.00
CA THR C 245 -0.76 14.49 -8.01
C THR C 245 -0.03 13.28 -7.47
N GLY C 246 0.21 12.31 -8.35
CA GLY C 246 0.83 11.07 -7.96
C GLY C 246 -0.11 10.14 -7.20
N SER C 247 -1.41 10.46 -7.25
CA SER C 247 -2.38 9.65 -6.53
C SER C 247 -3.02 8.59 -7.42
N ALA C 248 -3.42 7.49 -6.80
CA ALA C 248 -4.18 6.45 -7.49
C ALA C 248 -5.51 6.29 -6.76
N PHE C 249 -6.57 6.75 -7.42
CA PHE C 249 -7.92 6.80 -6.83
C PHE C 249 -8.68 5.53 -7.13
N VAL C 250 -8.91 4.71 -6.11
CA VAL C 250 -9.63 3.45 -6.31
C VAL C 250 -11.12 3.71 -6.27
N VAL C 251 -11.83 3.22 -7.29
CA VAL C 251 -13.27 3.32 -7.36
C VAL C 251 -13.77 1.95 -7.79
N ASP C 252 -14.00 1.08 -6.81
CA ASP C 252 -14.14 -0.35 -7.11
C ASP C 252 -15.30 -1.07 -6.42
N GLY C 253 -16.27 -0.32 -5.95
CA GLY C 253 -17.46 -0.91 -5.33
C GLY C 253 -17.11 -1.72 -4.10
N GLY C 254 -15.95 -1.44 -3.50
CA GLY C 254 -15.53 -2.13 -2.31
C GLY C 254 -14.92 -3.51 -2.55
N MSE C 255 -14.69 -3.87 -3.81
CA MSE C 255 -14.31 -5.26 -4.10
C MSE C 255 -12.90 -5.60 -3.61
O MSE C 255 -12.57 -6.76 -3.44
CB MSE C 255 -14.45 -5.54 -5.60
CG MSE C 255 -15.90 -5.74 -6.02
SE MSE C 255 -16.86 -7.08 -4.90
CE MSE C 255 -16.00 -8.70 -5.60
N SER C 256 -12.08 -4.59 -3.35
CA SER C 256 -10.74 -4.91 -2.89
C SER C 256 -10.64 -4.94 -1.37
N LEU C 257 -11.76 -4.67 -0.67
CA LEU C 257 -11.77 -4.75 0.79
C LEU C 257 -11.59 -6.18 1.27
N MSE D 24 22.24 -24.52 8.12
CA MSE D 24 21.52 -25.78 8.19
C MSE D 24 20.04 -25.60 7.92
O MSE D 24 19.24 -26.50 8.21
CB MSE D 24 21.73 -26.43 9.57
CG MSE D 24 21.21 -25.58 10.71
SE MSE D 24 21.04 -26.57 12.39
CE MSE D 24 22.92 -26.72 12.86
N LYS D 25 19.63 -24.46 7.36
CA LYS D 25 18.21 -24.19 7.14
C LYS D 25 17.67 -24.81 5.85
N LEU D 26 18.55 -25.27 4.97
CA LEU D 26 18.12 -25.77 3.67
C LEU D 26 18.72 -27.12 3.26
N LYS D 27 19.04 -27.97 4.22
CA LYS D 27 19.90 -29.12 3.92
C LYS D 27 19.34 -30.07 2.87
N GLY D 28 18.03 -30.29 2.85
CA GLY D 28 17.47 -31.20 1.87
C GLY D 28 17.36 -30.68 0.44
N LYS D 29 17.32 -29.36 0.30
CA LYS D 29 16.67 -28.74 -0.86
C LYS D 29 17.50 -28.45 -2.12
N LYS D 30 16.88 -28.67 -3.27
CA LYS D 30 17.47 -28.32 -4.56
C LYS D 30 17.04 -26.92 -4.95
N ALA D 31 18.01 -26.07 -5.22
CA ALA D 31 17.72 -24.69 -5.58
C ALA D 31 18.31 -24.31 -6.92
N LEU D 32 17.53 -23.57 -7.71
CA LEU D 32 18.01 -22.96 -8.93
C LEU D 32 18.03 -21.46 -8.73
N VAL D 33 19.19 -20.83 -8.98
CA VAL D 33 19.30 -19.39 -8.90
C VAL D 33 19.63 -18.78 -10.26
N ILE D 34 18.70 -18.01 -10.81
CA ILE D 34 18.88 -17.38 -12.11
C ILE D 34 19.55 -16.02 -11.96
N ALA D 35 20.62 -15.82 -12.73
CA ALA D 35 21.60 -14.72 -12.60
C ALA D 35 22.39 -14.85 -11.32
N ALA D 36 23.01 -16.01 -11.14
CA ALA D 36 23.76 -16.30 -9.93
C ALA D 36 25.21 -15.86 -10.04
N GLY D 37 25.56 -15.17 -11.13
CA GLY D 37 26.94 -14.85 -11.45
C GLY D 37 27.57 -13.79 -10.56
N GLN D 38 26.77 -12.81 -10.15
CA GLN D 38 27.30 -11.70 -9.36
C GLN D 38 26.22 -11.02 -8.51
N GLY D 39 26.62 -10.08 -7.68
CA GLY D 39 25.69 -9.34 -6.85
C GLY D 39 24.81 -10.16 -5.91
N ILE D 40 23.52 -9.83 -5.93
CA ILE D 40 22.55 -10.42 -5.04
C ILE D 40 22.32 -11.90 -5.39
N GLY D 41 22.21 -12.21 -6.68
CA GLY D 41 22.05 -13.59 -7.10
C GLY D 41 23.18 -14.48 -6.59
N ARG D 42 24.40 -14.00 -6.71
CA ARG D 42 25.53 -14.78 -6.23
C ARG D 42 25.52 -14.91 -4.71
N ALA D 43 25.12 -13.85 -4.03
CA ALA D 43 25.12 -13.86 -2.58
C ALA D 43 24.09 -14.88 -2.12
N ILE D 44 22.99 -14.95 -2.85
CA ILE D 44 21.94 -15.91 -2.52
C ILE D 44 22.44 -17.33 -2.78
N ALA D 45 23.07 -17.55 -3.94
CA ALA D 45 23.63 -18.86 -4.27
C ALA D 45 24.63 -19.35 -3.22
N GLU D 46 25.58 -18.49 -2.87
CA GLU D 46 26.57 -18.82 -1.85
C GLU D 46 25.91 -19.11 -0.49
N ALA D 47 24.92 -18.30 -0.12
CA ALA D 47 24.23 -18.47 1.16
C ALA D 47 23.43 -19.77 1.17
N PHE D 48 22.79 -20.08 0.05
CA PHE D 48 21.98 -21.28 -0.05
C PHE D 48 22.93 -22.49 0.11
N GLN D 49 24.08 -22.42 -0.54
CA GLN D 49 25.13 -23.45 -0.43
C GLN D 49 25.53 -23.66 1.03
N ARG D 50 25.83 -22.55 1.71
CA ARG D 50 26.24 -22.61 3.11
C ARG D 50 25.16 -23.22 4.01
N GLU D 51 23.91 -23.05 3.66
CA GLU D 51 22.80 -23.53 4.50
C GLU D 51 22.37 -24.97 4.17
N GLY D 52 23.18 -25.68 3.39
CA GLY D 52 22.91 -27.09 3.11
C GLY D 52 22.23 -27.45 1.81
N ALA D 53 21.88 -26.45 1.00
CA ALA D 53 21.17 -26.72 -0.25
C ALA D 53 22.12 -27.12 -1.39
N GLU D 54 21.61 -27.98 -2.27
CA GLU D 54 22.25 -28.26 -3.55
C GLU D 54 21.85 -27.17 -4.53
N VAL D 55 22.81 -26.33 -4.89
CA VAL D 55 22.51 -25.15 -5.68
C VAL D 55 22.98 -25.28 -7.11
N LEU D 56 22.12 -24.91 -8.03
CA LEU D 56 22.51 -24.72 -9.42
C LEU D 56 22.46 -23.24 -9.74
N GLY D 57 23.59 -22.69 -10.15
CA GLY D 57 23.67 -21.28 -10.47
C GLY D 57 23.65 -21.06 -11.98
N ALA D 58 22.57 -20.46 -12.47
CA ALA D 58 22.49 -20.12 -13.89
C ALA D 58 22.90 -18.68 -14.09
N THR D 59 23.70 -18.41 -15.12
CA THR D 59 24.16 -17.05 -15.41
C THR D 59 24.78 -16.95 -16.81
N LEU D 60 24.89 -15.72 -17.31
CA LEU D 60 25.57 -15.48 -18.59
C LEU D 60 27.06 -15.83 -18.52
N HIS D 61 27.64 -15.70 -17.32
CA HIS D 61 29.07 -15.94 -17.13
C HIS D 61 29.36 -16.96 -16.04
N PRO D 62 29.21 -18.25 -16.37
CA PRO D 62 29.33 -19.39 -15.44
C PRO D 62 30.71 -19.55 -14.80
N GLU D 63 31.72 -18.87 -15.33
CA GLU D 63 33.07 -19.02 -14.81
C GLU D 63 33.21 -18.35 -13.44
N LYS D 64 32.32 -17.38 -13.18
CA LYS D 64 32.38 -16.63 -11.93
C LYS D 64 32.01 -17.51 -10.75
N LEU D 65 31.36 -18.63 -11.03
CA LEU D 65 30.93 -19.54 -9.97
C LEU D 65 31.87 -20.75 -9.87
N GLN D 66 33.01 -20.68 -10.53
CA GLN D 66 33.96 -21.79 -10.51
C GLN D 66 34.53 -22.00 -9.12
N GLY D 67 34.31 -23.20 -8.57
CA GLY D 67 34.77 -23.53 -7.24
C GLY D 67 33.88 -22.96 -6.16
N VAL D 68 32.79 -22.29 -6.56
CA VAL D 68 31.90 -21.66 -5.61
C VAL D 68 30.60 -22.42 -5.50
N VAL D 69 29.92 -22.55 -6.63
CA VAL D 69 28.64 -23.24 -6.72
C VAL D 69 28.56 -23.91 -8.09
N PRO D 70 27.96 -25.12 -8.17
CA PRO D 70 27.71 -25.71 -9.49
C PRO D 70 26.95 -24.73 -10.39
N ALA D 71 27.41 -24.58 -11.63
CA ALA D 71 26.84 -23.57 -12.52
C ALA D 71 26.45 -24.11 -13.91
N VAL D 72 25.59 -23.34 -14.59
CA VAL D 72 25.21 -23.60 -15.98
C VAL D 72 25.08 -22.28 -16.72
N ARG D 73 25.37 -22.29 -18.02
CA ARG D 73 25.26 -21.10 -18.85
C ARG D 73 23.78 -20.87 -19.23
N LEU D 74 23.28 -19.67 -19.00
CA LEU D 74 21.89 -19.35 -19.33
C LEU D 74 21.68 -17.88 -19.67
N ASP D 75 21.05 -17.64 -20.82
CA ASP D 75 20.59 -16.30 -21.17
C ASP D 75 19.09 -16.20 -20.85
N ALA D 76 18.77 -15.53 -19.75
CA ALA D 76 17.37 -15.44 -19.30
C ALA D 76 16.45 -14.75 -20.30
N ARG D 77 17.02 -14.09 -21.31
CA ARG D 77 16.21 -13.46 -22.35
C ARG D 77 15.69 -14.48 -23.37
N ASP D 78 16.22 -15.69 -23.30
CA ASP D 78 15.86 -16.75 -24.24
C ASP D 78 14.80 -17.70 -23.63
N LYS D 79 13.55 -17.60 -24.10
CA LYS D 79 12.46 -18.38 -23.56
C LYS D 79 12.72 -19.89 -23.59
N GLU D 80 13.20 -20.38 -24.72
CA GLU D 80 13.44 -21.81 -24.88
C GLU D 80 14.47 -22.32 -23.88
N ALA D 81 15.53 -21.54 -23.71
CA ALA D 81 16.60 -21.87 -22.78
C ALA D 81 16.11 -21.96 -21.33
N VAL D 82 15.25 -21.00 -20.96
CA VAL D 82 14.68 -20.95 -19.62
C VAL D 82 13.81 -22.18 -19.37
N PHE D 83 12.93 -22.47 -20.32
CA PHE D 83 12.06 -23.65 -20.20
C PHE D 83 12.87 -24.94 -20.23
N ARG D 84 13.87 -25.02 -21.10
CA ARG D 84 14.68 -26.25 -21.21
C ARG D 84 15.41 -26.54 -19.90
N LEU D 85 16.01 -25.50 -19.32
CA LEU D 85 16.73 -25.63 -18.07
C LEU D 85 15.81 -26.18 -16.98
N ILE D 86 14.71 -25.48 -16.73
CA ILE D 86 13.82 -25.79 -15.62
C ILE D 86 13.08 -27.11 -15.82
N GLN D 87 12.57 -27.34 -17.03
CA GLN D 87 11.88 -28.59 -17.30
C GLN D 87 12.84 -29.78 -17.33
N GLY D 88 14.13 -29.50 -17.47
CA GLY D 88 15.14 -30.54 -17.51
C GLY D 88 15.57 -30.99 -16.14
N LEU D 89 15.23 -30.19 -15.12
CA LEU D 89 15.60 -30.52 -13.74
C LEU D 89 14.74 -31.64 -13.19
N ASP D 90 15.35 -32.53 -12.44
CA ASP D 90 14.63 -33.66 -11.87
C ASP D 90 13.66 -33.16 -10.82
N ARG D 91 14.18 -32.49 -9.81
CA ARG D 91 13.35 -31.90 -8.79
C ARG D 91 13.83 -30.50 -8.46
N LEU D 92 12.89 -29.61 -8.17
CA LEU D 92 13.22 -28.23 -7.87
C LEU D 92 12.46 -27.76 -6.64
N ASP D 93 13.18 -27.54 -5.53
CA ASP D 93 12.54 -27.05 -4.32
C ASP D 93 12.45 -25.52 -4.23
N VAL D 94 13.46 -24.83 -4.73
CA VAL D 94 13.54 -23.38 -4.65
C VAL D 94 13.94 -22.77 -5.98
N LEU D 95 13.19 -21.77 -6.45
CA LEU D 95 13.59 -21.01 -7.62
C LEU D 95 13.81 -19.57 -7.23
N VAL D 96 14.99 -19.04 -7.55
CA VAL D 96 15.28 -17.63 -7.29
C VAL D 96 15.48 -16.89 -8.59
N ASN D 97 14.61 -15.91 -8.85
CA ASN D 97 14.76 -15.06 -10.01
C ASN D 97 15.50 -13.78 -9.64
N ALA D 98 16.82 -13.78 -9.78
CA ALA D 98 17.62 -12.62 -9.45
C ALA D 98 18.05 -11.84 -10.70
N GLN D 99 17.53 -12.22 -11.86
CA GLN D 99 17.94 -11.54 -13.10
C GLN D 99 17.38 -10.14 -13.16
N GLY D 100 18.09 -9.25 -13.84
CA GLY D 100 17.59 -7.90 -13.98
C GLY D 100 18.56 -6.90 -14.59
N VAL D 101 18.01 -5.80 -15.09
CA VAL D 101 18.80 -4.70 -15.62
C VAL D 101 18.21 -3.41 -15.06
N VAL D 102 19.07 -2.42 -14.81
CA VAL D 102 18.62 -1.18 -14.21
C VAL D 102 18.87 -0.03 -15.19
N PRO D 103 17.93 0.18 -16.12
CA PRO D 103 18.09 1.36 -16.97
C PRO D 103 18.02 2.60 -16.11
N VAL D 104 18.65 3.66 -16.61
CA VAL D 104 18.77 4.90 -15.87
C VAL D 104 18.07 5.99 -16.67
N GLY D 105 17.33 6.86 -15.99
CA GLY D 105 16.71 7.99 -16.65
C GLY D 105 15.28 8.30 -16.27
N GLY D 106 14.94 9.57 -16.41
CA GLY D 106 13.58 10.01 -16.21
C GLY D 106 12.77 9.71 -17.45
N LEU D 107 11.55 10.24 -17.49
CA LEU D 107 10.58 9.94 -18.53
C LEU D 107 11.09 10.23 -19.95
N LEU D 108 11.70 11.39 -20.14
CA LEU D 108 12.12 11.81 -21.48
C LEU D 108 13.47 11.22 -21.89
N GLU D 109 14.28 10.83 -20.92
CA GLU D 109 15.58 10.21 -21.22
C GLU D 109 15.37 8.74 -21.58
N ALA D 110 14.28 8.15 -21.08
CA ALA D 110 13.96 6.74 -21.34
C ALA D 110 13.66 6.50 -22.81
N THR D 111 14.20 5.41 -23.36
CA THR D 111 13.94 5.05 -24.73
C THR D 111 13.09 3.79 -24.86
N ASP D 112 12.54 3.57 -26.06
CA ASP D 112 11.86 2.32 -26.37
C ASP D 112 12.78 1.12 -26.20
N GLN D 113 14.07 1.30 -26.48
CA GLN D 113 15.01 0.20 -26.32
C GLN D 113 15.16 -0.17 -24.84
N ASP D 114 15.21 0.85 -23.97
CA ASP D 114 15.28 0.62 -22.53
C ASP D 114 14.06 -0.17 -22.09
N TRP D 115 12.90 0.27 -22.58
CA TRP D 115 11.62 -0.34 -22.26
C TRP D 115 11.65 -1.82 -22.60
N GLU D 116 11.98 -2.13 -23.86
CA GLU D 116 11.90 -3.50 -24.33
C GLU D 116 12.92 -4.37 -23.62
N GLU D 117 14.13 -3.86 -23.46
CA GLU D 117 15.18 -4.64 -22.81
C GLU D 117 14.84 -4.93 -21.34
N ALA D 118 14.37 -3.90 -20.64
CA ALA D 118 14.09 -4.04 -19.21
C ALA D 118 12.83 -4.87 -18.96
N PHE D 119 11.80 -4.68 -19.75
CA PHE D 119 10.61 -5.50 -19.51
C PHE D 119 10.89 -6.95 -19.87
N LEU D 120 11.75 -7.19 -20.85
CA LEU D 120 12.08 -8.55 -21.26
C LEU D 120 12.78 -9.29 -20.11
N LEU D 121 13.84 -8.67 -19.59
CA LEU D 121 14.66 -9.34 -18.60
C LEU D 121 14.05 -9.28 -17.19
N ASN D 122 13.51 -8.13 -16.81
CA ASN D 122 13.06 -7.92 -15.43
C ASN D 122 11.73 -8.60 -15.13
N ALA D 123 10.94 -8.80 -16.18
CA ALA D 123 9.55 -9.21 -15.99
C ALA D 123 9.18 -10.41 -16.86
N LYS D 124 9.34 -10.28 -18.17
CA LYS D 124 8.94 -11.37 -19.05
C LYS D 124 9.72 -12.66 -18.76
N SER D 125 11.01 -12.57 -18.47
CA SER D 125 11.78 -13.79 -18.21
C SER D 125 11.31 -14.47 -16.93
N VAL D 126 10.81 -13.69 -15.96
CA VAL D 126 10.29 -14.26 -14.72
C VAL D 126 8.95 -14.95 -15.00
N PHE D 127 8.16 -14.33 -15.88
CA PHE D 127 6.91 -14.90 -16.37
C PHE D 127 7.19 -16.30 -16.95
N TRP D 128 8.20 -16.39 -17.79
CA TRP D 128 8.60 -17.68 -18.38
C TRP D 128 9.13 -18.68 -17.33
N ALA D 129 10.01 -18.21 -16.45
CA ALA D 129 10.58 -19.07 -15.41
C ALA D 129 9.47 -19.64 -14.54
N MSE D 130 8.50 -18.81 -14.21
CA MSE D 130 7.40 -19.26 -13.35
C MSE D 130 6.47 -20.21 -14.10
O MSE D 130 5.95 -21.17 -13.54
CB MSE D 130 6.64 -18.07 -12.78
CG MSE D 130 7.47 -17.24 -11.82
SE MSE D 130 6.34 -16.17 -10.65
CE MSE D 130 5.47 -15.08 -12.02
N GLN D 131 6.27 -19.96 -15.40
CA GLN D 131 5.45 -20.85 -16.21
C GLN D 131 6.09 -22.23 -16.27
N ALA D 132 7.42 -22.26 -16.31
CA ALA D 132 8.12 -23.53 -16.37
C ALA D 132 8.11 -24.24 -15.01
N ALA D 133 8.36 -23.49 -13.95
CA ALA D 133 8.63 -24.10 -12.65
C ALA D 133 7.38 -24.42 -11.81
N LEU D 134 6.37 -23.56 -11.82
CA LEU D 134 5.22 -23.73 -10.92
C LEU D 134 4.42 -25.04 -11.14
N PRO D 135 4.17 -25.44 -12.41
CA PRO D 135 3.51 -26.75 -12.59
C PRO D 135 4.33 -27.90 -12.04
N LYS D 136 5.63 -27.87 -12.29
CA LYS D 136 6.55 -28.90 -11.85
C LYS D 136 6.59 -28.98 -10.32
N MSE D 137 6.61 -27.82 -9.67
CA MSE D 137 6.57 -27.73 -8.21
C MSE D 137 5.25 -28.16 -7.62
O MSE D 137 5.21 -28.85 -6.60
CB MSE D 137 6.88 -26.30 -7.76
CG MSE D 137 8.29 -25.90 -8.03
SE MSE D 137 8.54 -24.07 -7.40
CE MSE D 137 10.36 -23.81 -8.03
N ALA D 138 4.16 -27.71 -8.25
CA ALA D 138 2.81 -28.13 -7.89
C ALA D 138 2.70 -29.65 -7.83
N ALA D 139 3.18 -30.31 -8.87
CA ALA D 139 3.07 -31.76 -8.97
C ALA D 139 3.87 -32.48 -7.88
N GLN D 140 5.02 -31.92 -7.52
CA GLN D 140 5.91 -32.54 -6.54
C GLN D 140 5.49 -32.23 -5.11
N GLY D 141 4.42 -31.46 -4.97
CA GLY D 141 3.82 -31.22 -3.67
C GLY D 141 4.11 -29.86 -3.04
N GLY D 142 4.91 -29.04 -3.70
CA GLY D 142 5.24 -27.74 -3.11
C GLY D 142 6.61 -27.22 -3.50
N GLY D 143 6.97 -26.08 -2.95
CA GLY D 143 8.23 -25.43 -3.26
C GLY D 143 8.13 -23.94 -2.99
N SER D 144 9.16 -23.20 -3.37
CA SER D 144 9.27 -21.80 -3.00
C SER D 144 9.94 -21.02 -4.11
N VAL D 145 9.24 -20.02 -4.64
CA VAL D 145 9.78 -19.13 -5.66
C VAL D 145 10.02 -17.74 -5.08
N ILE D 146 11.23 -17.22 -5.31
CA ILE D 146 11.63 -15.94 -4.71
C ILE D 146 12.06 -14.99 -5.81
N ASN D 147 11.29 -13.92 -6.01
CA ASN D 147 11.63 -12.94 -7.02
C ASN D 147 12.31 -11.75 -6.40
N ILE D 148 13.43 -11.35 -6.98
CA ILE D 148 14.14 -10.18 -6.48
C ILE D 148 13.64 -8.98 -7.28
N ALA D 149 12.80 -8.19 -6.62
CA ALA D 149 12.20 -7.03 -7.23
C ALA D 149 13.00 -5.82 -6.81
N SER D 150 12.34 -4.83 -6.22
CA SER D 150 12.99 -3.59 -5.79
C SER D 150 12.00 -2.72 -5.04
N VAL D 151 12.50 -1.88 -4.14
CA VAL D 151 11.63 -0.98 -3.42
C VAL D 151 11.10 0.08 -4.40
N ALA D 152 11.74 0.15 -5.57
CA ALA D 152 11.25 1.02 -6.63
C ALA D 152 9.86 0.60 -7.11
N ALA D 153 9.42 -0.61 -6.75
CA ALA D 153 8.08 -1.05 -7.09
C ALA D 153 7.05 -0.26 -6.31
N PHE D 154 7.49 0.35 -5.20
CA PHE D 154 6.58 1.04 -4.31
C PHE D 154 6.94 2.51 -4.13
N LYS D 155 8.24 2.77 -4.07
CA LYS D 155 8.76 4.11 -3.77
C LYS D 155 9.29 4.81 -5.03
N THR D 156 8.69 5.94 -5.36
CA THR D 156 9.12 6.73 -6.50
C THR D 156 10.39 7.54 -6.22
N VAL D 157 11.44 7.31 -7.02
CA VAL D 157 12.66 8.11 -6.95
C VAL D 157 12.99 8.67 -8.33
N PRO D 158 13.75 9.77 -8.38
CA PRO D 158 14.08 10.32 -9.70
C PRO D 158 14.95 9.37 -10.53
N GLY D 159 14.83 9.49 -11.84
CA GLY D 159 15.71 8.79 -12.77
C GLY D 159 15.56 7.29 -12.81
N ARG D 160 14.37 6.79 -12.47
CA ARG D 160 14.11 5.35 -12.53
C ARG D 160 12.76 5.02 -13.16
N PHE D 161 12.43 5.70 -14.25
CA PHE D 161 11.09 5.56 -14.81
C PHE D 161 10.80 4.13 -15.31
N ILE D 162 11.65 3.60 -16.18
CA ILE D 162 11.44 2.25 -16.73
C ILE D 162 11.59 1.19 -15.64
N TYR D 163 12.66 1.30 -14.87
CA TYR D 163 12.98 0.33 -13.82
C TYR D 163 11.80 0.13 -12.87
N SER D 164 11.24 1.23 -12.39
CA SER D 164 10.12 1.22 -11.47
C SER D 164 8.88 0.54 -12.05
N ALA D 165 8.62 0.77 -13.33
CA ALA D 165 7.45 0.14 -13.96
C ALA D 165 7.65 -1.37 -14.01
N THR D 166 8.85 -1.82 -14.35
CA THR D 166 9.10 -3.26 -14.49
C THR D 166 9.00 -3.95 -13.14
N LYS D 167 9.47 -3.28 -12.09
CA LYS D 167 9.47 -3.89 -10.77
C LYS D 167 8.07 -3.91 -10.14
N ALA D 168 7.26 -2.89 -10.43
CA ALA D 168 5.84 -2.93 -10.05
C ALA D 168 5.12 -4.06 -10.78
N ALA D 169 5.36 -4.20 -12.08
CA ALA D 169 4.81 -5.35 -12.81
C ALA D 169 5.21 -6.66 -12.10
N LEU D 170 6.49 -6.79 -11.77
CA LEU D 170 7.00 -8.01 -11.14
C LEU D 170 6.32 -8.34 -9.79
N VAL D 171 6.11 -7.34 -8.94
CA VAL D 171 5.44 -7.60 -7.67
C VAL D 171 3.99 -8.05 -7.92
N ALA D 172 3.32 -7.43 -8.89
CA ALA D 172 1.96 -7.83 -9.20
C ALA D 172 1.90 -9.29 -9.68
N MSE D 173 2.85 -9.66 -10.54
CA MSE D 173 2.98 -11.04 -11.03
C MSE D 173 3.27 -11.99 -9.89
O MSE D 173 2.74 -13.10 -9.83
CB MSE D 173 4.08 -11.17 -12.09
CG MSE D 173 3.78 -10.42 -13.37
SE MSE D 173 5.48 -10.06 -14.30
CE MSE D 173 6.27 -11.86 -14.28
N THR D 174 4.11 -11.54 -8.96
CA THR D 174 4.44 -12.37 -7.80
C THR D 174 3.18 -12.70 -7.01
N LYS D 175 2.35 -11.70 -6.75
CA LYS D 175 1.12 -11.92 -6.00
C LYS D 175 0.11 -12.78 -6.77
N ALA D 176 0.05 -12.61 -8.09
CA ALA D 176 -0.92 -13.35 -8.90
C ALA D 176 -0.58 -14.84 -8.88
N ALA D 177 0.69 -15.14 -9.08
CA ALA D 177 1.16 -16.53 -9.04
C ALA D 177 0.96 -17.13 -7.65
N ALA D 178 1.21 -16.33 -6.62
CA ALA D 178 1.05 -16.79 -5.26
C ALA D 178 -0.39 -17.22 -5.02
N LEU D 179 -1.35 -16.38 -5.40
CA LEU D 179 -2.74 -16.73 -5.20
C LEU D 179 -3.09 -18.01 -5.93
N GLU D 180 -2.63 -18.12 -7.18
CA GLU D 180 -3.03 -19.22 -8.04
C GLU D 180 -2.43 -20.57 -7.58
N PHE D 181 -1.23 -20.56 -7.01
CA PHE D 181 -0.59 -21.83 -6.67
C PHE D 181 -0.47 -22.13 -5.17
N ALA D 182 -0.97 -21.23 -4.34
CA ALA D 182 -1.10 -21.48 -2.92
C ALA D 182 -1.83 -22.81 -2.60
N PRO D 183 -2.93 -23.13 -3.31
CA PRO D 183 -3.53 -24.44 -3.00
C PRO D 183 -2.63 -25.64 -3.30
N LYS D 184 -1.62 -25.46 -4.14
CA LYS D 184 -0.71 -26.55 -4.50
C LYS D 184 0.55 -26.53 -3.64
N GLY D 185 0.59 -25.65 -2.66
CA GLY D 185 1.70 -25.59 -1.72
C GLY D 185 2.94 -24.95 -2.29
N VAL D 186 2.81 -24.20 -3.38
CA VAL D 186 3.95 -23.49 -3.93
C VAL D 186 3.90 -22.02 -3.51
N ARG D 187 4.83 -21.58 -2.68
CA ARG D 187 4.88 -20.18 -2.27
C ARG D 187 5.59 -19.31 -3.30
N VAL D 188 5.13 -18.08 -3.46
CA VAL D 188 5.76 -17.15 -4.38
C VAL D 188 5.82 -15.82 -3.67
N ASN D 189 7.03 -15.31 -3.46
CA ASN D 189 7.24 -14.07 -2.73
C ASN D 189 8.26 -13.22 -3.44
N ALA D 190 8.26 -11.92 -3.13
CA ALA D 190 9.26 -11.01 -3.66
C ALA D 190 10.05 -10.39 -2.53
N ILE D 191 11.35 -10.20 -2.75
CA ILE D 191 12.14 -9.37 -1.88
C ILE D 191 12.38 -8.06 -2.61
N CYS D 192 12.25 -6.94 -1.90
CA CYS D 192 12.35 -5.63 -2.52
C CYS D 192 13.50 -4.83 -1.92
N PRO D 193 14.72 -5.04 -2.43
CA PRO D 193 15.91 -4.35 -1.92
C PRO D 193 15.91 -2.85 -2.22
N GLY D 194 16.62 -2.10 -1.38
CA GLY D 194 16.90 -0.72 -1.65
C GLY D 194 18.19 -0.69 -2.43
N THR D 195 19.07 0.23 -2.07
CA THR D 195 20.32 0.39 -2.79
C THR D 195 21.37 -0.51 -2.17
N VAL D 196 21.75 -1.53 -2.91
CA VAL D 196 22.69 -2.53 -2.43
C VAL D 196 24.00 -2.47 -3.21
N ASP D 197 25.12 -2.63 -2.52
CA ASP D 197 26.44 -2.57 -3.17
C ASP D 197 26.65 -3.83 -3.99
N THR D 198 26.60 -3.67 -5.31
CA THR D 198 26.80 -4.77 -6.26
C THR D 198 27.76 -4.33 -7.35
N PRO D 199 28.36 -5.30 -8.07
CA PRO D 199 29.13 -4.96 -9.26
C PRO D 199 28.35 -4.09 -10.25
N SER D 200 27.06 -4.36 -10.44
CA SER D 200 26.26 -3.61 -11.41
C SER D 200 25.99 -2.18 -10.96
N LEU D 201 25.78 -1.97 -9.66
CA LEU D 201 25.64 -0.61 -9.14
C LEU D 201 26.95 0.16 -9.33
N ARG D 202 28.08 -0.52 -9.10
CA ARG D 202 29.38 0.11 -9.23
C ARG D 202 29.64 0.51 -10.68
N GLU D 203 29.22 -0.34 -11.62
CA GLU D 203 29.35 0.00 -13.03
C GLU D 203 28.42 1.15 -13.39
N ARG D 204 27.21 1.11 -12.85
CA ARG D 204 26.27 2.22 -12.94
C ARG D 204 26.92 3.53 -12.49
N ALA D 205 27.44 3.54 -11.27
CA ALA D 205 28.00 4.75 -10.65
C ALA D 205 29.34 5.18 -11.24
N GLY D 206 29.79 4.46 -12.26
CA GLY D 206 31.01 4.83 -12.98
C GLY D 206 32.26 4.38 -12.26
N GLY D 207 32.08 3.59 -11.20
CA GLY D 207 33.18 3.12 -10.40
C GLY D 207 32.92 3.21 -8.91
N GLU D 208 33.80 2.60 -8.13
CA GLU D 208 33.73 2.61 -6.68
C GLU D 208 33.83 4.03 -6.12
N GLU D 209 34.46 4.93 -6.87
CA GLU D 209 34.55 6.33 -6.46
C GLU D 209 33.16 6.97 -6.36
N GLY D 210 32.25 6.50 -7.21
CA GLY D 210 30.89 7.02 -7.24
C GLY D 210 29.97 6.49 -6.15
N LEU D 211 30.44 5.50 -5.39
CA LEU D 211 29.61 4.89 -4.35
C LEU D 211 29.36 5.77 -3.13
N ARG D 212 30.38 6.52 -2.69
CA ARG D 212 30.19 7.26 -1.45
C ARG D 212 29.06 8.29 -1.56
N ALA D 213 28.85 8.85 -2.75
CA ALA D 213 27.73 9.76 -2.95
C ALA D 213 26.40 9.06 -2.67
N PHE D 214 26.27 7.83 -3.17
CA PHE D 214 25.08 7.02 -2.93
C PHE D 214 24.93 6.71 -1.44
N ALA D 215 26.04 6.35 -0.79
CA ALA D 215 26.01 6.03 0.64
C ALA D 215 25.59 7.25 1.47
N GLU D 216 26.12 8.42 1.14
CA GLU D 216 25.78 9.64 1.88
C GLU D 216 24.29 9.98 1.81
N ARG D 217 23.61 9.54 0.76
CA ARG D 217 22.18 9.81 0.64
C ARG D 217 21.34 8.88 1.52
N GLN D 218 21.93 7.80 2.03
CA GLN D 218 21.20 6.81 2.83
C GLN D 218 21.01 7.25 4.29
N LEU D 219 19.85 6.94 4.84
CA LEU D 219 19.54 7.18 6.25
C LEU D 219 20.60 6.57 7.17
N LEU D 220 21.04 5.37 6.82
CA LEU D 220 22.07 4.67 7.57
C LEU D 220 23.49 5.06 7.14
N LYS D 221 23.60 5.91 6.11
CA LYS D 221 24.89 6.43 5.64
C LYS D 221 25.81 5.33 5.12
N ARG D 222 25.19 4.24 4.69
CA ARG D 222 25.90 3.12 4.10
C ARG D 222 24.97 2.42 3.12
N LEU D 223 25.55 1.69 2.17
CA LEU D 223 24.77 0.93 1.22
C LEU D 223 24.40 -0.42 1.80
N GLY D 224 23.39 -1.07 1.22
CA GLY D 224 23.01 -2.40 1.67
C GLY D 224 24.08 -3.39 1.25
N ARG D 225 24.12 -4.54 1.94
CA ARG D 225 25.03 -5.62 1.60
C ARG D 225 24.24 -6.78 1.00
N PRO D 226 24.77 -7.39 -0.07
CA PRO D 226 24.00 -8.48 -0.69
C PRO D 226 23.66 -9.60 0.32
N GLU D 227 24.55 -9.82 1.29
CA GLU D 227 24.33 -10.79 2.37
C GLU D 227 23.05 -10.51 3.19
N GLU D 228 22.69 -9.25 3.29
CA GLU D 228 21.49 -8.86 4.01
C GLU D 228 20.23 -9.28 3.26
N ILE D 229 20.31 -9.30 1.95
CA ILE D 229 19.23 -9.81 1.09
C ILE D 229 19.22 -11.33 1.09
N ALA D 230 20.42 -11.93 1.01
CA ALA D 230 20.53 -13.38 0.98
C ALA D 230 19.93 -14.06 2.22
N ALA D 231 20.21 -13.51 3.40
CA ALA D 231 19.69 -14.07 4.65
C ALA D 231 18.15 -14.12 4.62
N LEU D 232 17.55 -13.10 4.03
CA LEU D 232 16.10 -13.11 3.92
C LEU D 232 15.62 -14.16 2.90
N ALA D 233 16.35 -14.34 1.80
CA ALA D 233 15.97 -15.35 0.83
C ALA D 233 16.07 -16.75 1.47
N VAL D 234 17.06 -16.93 2.35
CA VAL D 234 17.19 -18.21 3.06
C VAL D 234 15.95 -18.46 3.90
N TYR D 235 15.46 -17.41 4.58
CA TYR D 235 14.23 -17.60 5.35
C TYR D 235 13.09 -18.04 4.44
N LEU D 236 12.94 -17.36 3.30
CA LEU D 236 11.82 -17.66 2.40
C LEU D 236 11.95 -19.01 1.70
N ALA D 237 13.18 -19.49 1.57
CA ALA D 237 13.43 -20.78 0.94
C ALA D 237 13.26 -21.92 1.95
N SER D 238 13.41 -21.60 3.22
CA SER D 238 13.38 -22.59 4.29
C SER D 238 11.97 -23.07 4.65
N ASP D 239 11.90 -24.19 5.35
CA ASP D 239 10.61 -24.68 5.84
C ASP D 239 9.95 -23.67 6.77
N GLU D 240 10.76 -22.87 7.45
CA GLU D 240 10.24 -21.85 8.37
C GLU D 240 9.57 -20.69 7.65
N GLY D 241 9.84 -20.55 6.36
CA GLY D 241 9.25 -19.48 5.57
C GLY D 241 7.97 -19.92 4.86
N ALA D 242 7.51 -21.12 5.20
CA ALA D 242 6.44 -21.75 4.42
C ALA D 242 5.06 -21.10 4.60
N PHE D 243 4.92 -20.18 5.55
CA PHE D 243 3.64 -19.50 5.71
C PHE D 243 3.62 -18.14 5.04
N ALA D 244 4.76 -17.73 4.49
CA ALA D 244 4.80 -16.51 3.70
C ALA D 244 4.49 -16.80 2.24
N THR D 245 3.45 -16.17 1.69
CA THR D 245 3.28 -16.20 0.25
C THR D 245 2.51 -14.98 -0.23
N GLY D 246 2.91 -14.46 -1.38
CA GLY D 246 2.29 -13.25 -1.90
C GLY D 246 2.81 -11.99 -1.24
N SER D 247 3.83 -12.13 -0.40
CA SER D 247 4.37 -10.97 0.30
C SER D 247 5.48 -10.31 -0.51
N ALA D 248 5.67 -9.01 -0.31
CA ALA D 248 6.81 -8.29 -0.85
C ALA D 248 7.59 -7.67 0.30
N PHE D 249 8.76 -8.24 0.58
CA PHE D 249 9.57 -7.85 1.72
C PHE D 249 10.53 -6.72 1.36
N VAL D 250 10.29 -5.56 1.93
CA VAL D 250 11.15 -4.40 1.69
C VAL D 250 12.35 -4.39 2.65
N VAL D 251 13.54 -4.29 2.09
CA VAL D 251 14.79 -4.18 2.83
C VAL D 251 15.56 -3.05 2.19
N ASP D 252 15.34 -1.83 2.67
CA ASP D 252 15.74 -0.66 1.95
C ASP D 252 16.43 0.39 2.80
N GLY D 253 16.83 0.04 4.01
CA GLY D 253 17.53 0.98 4.88
C GLY D 253 16.69 2.20 5.24
N GLY D 254 15.38 2.05 5.11
CA GLY D 254 14.44 3.09 5.51
C GLY D 254 14.16 4.13 4.44
N MSE D 255 14.64 3.90 3.23
CA MSE D 255 14.62 4.95 2.22
C MSE D 255 13.22 5.28 1.73
O MSE D 255 12.97 6.37 1.23
CB MSE D 255 15.49 4.55 1.02
CG MSE D 255 16.97 4.67 1.32
SE MSE D 255 17.44 6.46 1.95
CE MSE D 255 17.34 7.41 0.23
N SER D 256 12.29 4.34 1.91
CA SER D 256 10.94 4.61 1.43
C SER D 256 10.05 5.19 2.53
N LEU D 257 10.64 5.47 3.70
CA LEU D 257 9.90 6.12 4.78
C LEU D 257 9.61 7.58 4.42
CL CL E . -12.13 3.94 -28.35
#